data_4H2S
#
_entry.id   4H2S
#
_cell.length_a   92.046
_cell.length_b   101.677
_cell.length_c   103.981
_cell.angle_alpha   90.000
_cell.angle_beta   90.000
_cell.angle_gamma   90.000
#
_symmetry.space_group_name_H-M   'P 21 21 21'
#
loop_
_entity.id
_entity.type
_entity.pdbx_description
1 polymer 'Amino acid--[acyl-carrier-protein] ligase 1'
2 polymer 'Aminoacyl carrier protein 1'
3 non-polymer 'ZINC ION'
4 non-polymer 'ADENOSINE MONOPHOSPHATE'
5 non-polymer 'ACETATE ION'
6 non-polymer "4'-PHOSPHOPANTETHEINE"
7 water water
#
loop_
_entity_poly.entity_id
_entity_poly.type
_entity_poly.pdbx_seq_one_letter_code
_entity_poly.pdbx_strand_id
1 'polypeptide(L)'
;MGSSHHHHHHSSGLVPRGSHMNIAVLPNSPDTAPQIADPLDHLADKLFHSMGSDGVYARTALYESIVERLAALITSHREA
GTEALRFPPVMSRAQLEKSGYLKSFPNLLGCVCGLHGTEREINAAVSRFDAGGDWTTSLSPADLVLSPAACYPVYPIAAS
RGPLPKGGLRFDVAADCFRREPSKHLDRLQSFRMREYVCIGTPDDVSDFRERWMVRAQAIARDLGLTFRVDYASDPFFGR
VGQMKAVSQKQQQLKFELLIPLRSEEQPTACMSFNYHREHFGTTWGIQDANGEPAHTGCVAFGMDRLAVAMFHTHGTDLS
AWPAKVRDILGLQPHVAAGAHGEGWR
;
A,B
2 'polypeptide(L)'
;MGSSHHHHHHSSGLVPRGSHMQAFNTDVRNRIIKLVKGILEQNALAADVTPQAKLVDVGLTSMDMVNLMLGVEAEFDFTI
PQSEITPENFQSVETLERMVMTQLQPATAA
;
C,D
#
# COMPACT_ATOMS: atom_id res chain seq x y z
N ASP A 38 -13.58 18.92 17.29
CA ASP A 38 -13.89 19.13 15.88
C ASP A 38 -15.26 18.57 15.53
N PRO A 39 -16.04 19.32 14.72
CA PRO A 39 -17.38 18.87 14.35
C PRO A 39 -17.45 17.50 13.65
N LEU A 40 -16.36 17.04 13.04
CA LEU A 40 -16.42 15.76 12.33
C LEU A 40 -16.18 14.59 13.28
N ASP A 41 -15.70 14.89 14.48
CA ASP A 41 -15.18 13.82 15.35
C ASP A 41 -16.19 12.73 15.64
N HIS A 42 -17.46 13.10 15.69
CA HIS A 42 -18.53 12.16 16.05
C HIS A 42 -18.67 11.01 15.04
N LEU A 43 -18.18 11.21 13.82
CA LEU A 43 -18.24 10.20 12.77
C LEU A 43 -17.25 9.05 12.95
N ALA A 44 -16.22 9.25 13.76
CA ALA A 44 -15.12 8.28 13.85
C ALA A 44 -15.57 6.88 14.25
N ASP A 45 -16.48 6.79 15.21
CA ASP A 45 -16.87 5.48 15.72
C ASP A 45 -17.49 4.56 14.67
N LYS A 46 -18.32 5.10 13.78
CA LYS A 46 -18.90 4.26 12.73
C LYS A 46 -18.03 4.09 11.46
N LEU A 47 -17.08 5.00 11.25
CA LEU A 47 -16.35 5.02 9.96
C LEU A 47 -14.93 4.45 10.02
N PHE A 48 -14.26 4.60 11.17
CA PHE A 48 -12.82 4.37 11.23
C PHE A 48 -12.42 3.60 12.47
N HIS A 49 -11.25 2.96 12.42
CA HIS A 49 -10.58 2.46 13.63
C HIS A 49 -9.20 3.07 13.65
N SER A 50 -8.71 3.38 14.85
CA SER A 50 -7.37 3.90 15.02
C SER A 50 -6.30 2.87 14.58
N MET A 51 -5.29 3.36 13.88
CA MET A 51 -4.14 2.58 13.49
C MET A 51 -2.88 3.15 14.15
N GLY A 52 -3.08 3.94 15.20
CA GLY A 52 -1.99 4.43 16.04
C GLY A 52 -1.18 5.54 15.39
N SER A 53 -1.79 6.22 14.43
CA SER A 53 -1.10 7.32 13.76
C SER A 53 -2.11 8.31 13.17
N ASP A 54 -1.98 9.57 13.55
CA ASP A 54 -2.89 10.61 13.07
C ASP A 54 -2.94 10.63 11.56
N GLY A 55 -4.17 10.68 11.03
CA GLY A 55 -4.39 10.76 9.59
C GLY A 55 -4.29 9.43 8.87
N VAL A 56 -4.13 8.36 9.61
CA VAL A 56 -4.04 7.02 9.04
C VAL A 56 -5.04 6.13 9.77
N TYR A 57 -6.14 5.74 9.11
CA TYR A 57 -7.24 4.99 9.74
C TYR A 57 -7.65 3.74 8.95
N ALA A 58 -8.05 2.71 9.67
CA ALA A 58 -8.69 1.57 9.06
C ALA A 58 -10.12 1.97 8.72
N ARG A 59 -10.64 1.43 7.63
CA ARG A 59 -11.95 1.81 7.15
CA ARG A 59 -11.96 1.82 7.18
C ARG A 59 -12.97 0.70 7.41
N THR A 60 -14.12 1.05 7.99
CA THR A 60 -15.15 0.06 8.27
C THR A 60 -15.88 -0.33 6.99
N ALA A 61 -16.60 -1.45 7.02
CA ALA A 61 -17.40 -1.87 5.88
C ALA A 61 -18.40 -0.77 5.46
N LEU A 62 -18.98 -0.09 6.45
CA LEU A 62 -19.95 0.96 6.20
C LEU A 62 -19.29 2.07 5.38
N TYR A 63 -18.16 2.55 5.88
CA TYR A 63 -17.42 3.61 5.21
C TYR A 63 -17.03 3.21 3.79
N GLU A 64 -16.43 2.02 3.67
CA GLU A 64 -15.91 1.59 2.37
C GLU A 64 -17.05 1.35 1.36
N SER A 65 -18.25 0.98 1.83
CA SER A 65 -19.38 0.80 0.91
C SER A 65 -19.76 2.14 0.24
N ILE A 66 -19.64 3.22 0.98
CA ILE A 66 -19.96 4.53 0.39
C ILE A 66 -18.81 5.03 -0.52
N VAL A 67 -17.56 4.78 -0.14
CA VAL A 67 -16.45 5.13 -1.04
C VAL A 67 -16.62 4.41 -2.38
N GLU A 68 -16.98 3.13 -2.31
CA GLU A 68 -17.16 2.34 -3.51
C GLU A 68 -18.32 2.85 -4.37
N ARG A 69 -19.44 3.21 -3.75
N ARG A 69 -19.45 3.18 -3.74
CA ARG A 69 -20.56 3.72 -4.53
CA ARG A 69 -20.58 3.73 -4.48
C ARG A 69 -20.28 5.13 -5.09
C ARG A 69 -20.21 5.08 -5.12
N LEU A 70 -19.50 5.93 -4.37
CA LEU A 70 -19.05 7.21 -4.93
C LEU A 70 -18.11 6.98 -6.13
N ALA A 71 -17.22 6.00 -6.01
CA ALA A 71 -16.29 5.68 -7.11
C ALA A 71 -17.07 5.25 -8.34
N ALA A 72 -18.09 4.41 -8.13
CA ALA A 72 -18.91 3.93 -9.25
C ALA A 72 -19.68 5.09 -9.89
N LEU A 73 -20.16 6.03 -9.06
CA LEU A 73 -20.90 7.17 -9.58
C LEU A 73 -19.98 8.05 -10.45
N ILE A 74 -18.77 8.28 -9.98
CA ILE A 74 -17.81 9.07 -10.76
C ILE A 74 -17.49 8.39 -12.10
N THR A 75 -17.30 7.07 -12.07
CA THR A 75 -17.07 6.29 -13.30
C THR A 75 -18.19 6.45 -14.32
N SER A 76 -19.44 6.48 -13.86
CA SER A 76 -20.59 6.56 -14.76
C SER A 76 -20.60 7.89 -15.53
N HIS A 77 -19.84 8.86 -15.04
CA HIS A 77 -19.74 10.16 -15.70
C HIS A 77 -18.49 10.30 -16.55
N ARG A 78 -17.74 9.22 -16.69
CA ARG A 78 -16.50 9.27 -17.46
C ARG A 78 -16.83 9.55 -18.93
N GLU A 79 -16.11 10.48 -19.56
CA GLU A 79 -16.27 10.79 -20.98
C GLU A 79 -15.79 9.65 -21.87
N ALA A 80 -16.47 9.47 -23.00
CA ALA A 80 -16.05 8.44 -23.95
C ALA A 80 -14.62 8.71 -24.47
N GLY A 81 -13.89 7.65 -24.80
CA GLY A 81 -12.51 7.79 -25.25
C GLY A 81 -11.52 8.10 -24.13
N THR A 82 -11.91 7.84 -22.89
CA THR A 82 -11.01 8.08 -21.75
C THR A 82 -10.36 6.77 -21.35
N GLU A 83 -9.03 6.74 -21.32
CA GLU A 83 -8.29 5.53 -20.97
C GLU A 83 -8.12 5.38 -19.44
N ALA A 84 -8.61 4.30 -18.85
CA ALA A 84 -8.48 4.09 -17.40
C ALA A 84 -7.19 3.39 -17.00
N LEU A 85 -6.41 4.05 -16.15
CA LEU A 85 -5.25 3.43 -15.54
C LEU A 85 -5.37 3.47 -14.01
N ARG A 86 -4.90 2.40 -13.35
CA ARG A 86 -4.84 2.37 -11.90
C ARG A 86 -3.40 2.27 -11.43
N PHE A 87 -2.97 3.22 -10.61
CA PHE A 87 -1.59 3.30 -10.13
C PHE A 87 -1.47 2.78 -8.71
N PRO A 88 -0.35 2.12 -8.40
CA PRO A 88 -0.06 1.69 -7.02
C PRO A 88 0.24 2.91 -6.14
N PRO A 89 0.38 2.71 -4.82
CA PRO A 89 0.62 3.87 -3.94
C PRO A 89 2.05 4.40 -3.97
N VAL A 90 2.90 3.80 -4.80
CA VAL A 90 4.26 4.31 -4.97
C VAL A 90 4.52 4.57 -6.44
N MET A 91 5.49 5.42 -6.72
CA MET A 91 5.88 5.74 -8.09
C MET A 91 7.38 6.07 -8.11
N SER A 92 7.93 6.21 -9.32
CA SER A 92 9.36 6.50 -9.48
C SER A 92 9.73 7.83 -8.87
N ARG A 93 10.72 7.82 -7.99
CA ARG A 93 11.21 9.05 -7.40
C ARG A 93 11.82 9.95 -8.47
N ALA A 94 12.49 9.36 -9.45
CA ALA A 94 13.07 10.16 -10.54
C ALA A 94 11.99 10.88 -11.35
N GLN A 95 10.89 10.19 -11.66
CA GLN A 95 9.80 10.85 -12.38
C GLN A 95 9.17 11.98 -11.57
N LEU A 96 9.07 11.80 -10.26
CA LEU A 96 8.47 12.84 -9.43
C LEU A 96 9.41 14.05 -9.34
N GLU A 97 10.71 13.80 -9.16
CA GLU A 97 11.70 14.89 -9.15
C GLU A 97 11.63 15.68 -10.45
N LYS A 98 11.64 14.98 -11.57
CA LYS A 98 11.58 15.61 -12.87
C LYS A 98 10.30 16.44 -13.05
N SER A 99 9.21 16.02 -12.42
CA SER A 99 7.95 16.78 -12.50
C SER A 99 7.96 18.07 -11.70
N GLY A 100 9.02 18.30 -10.93
CA GLY A 100 9.14 19.56 -10.21
C GLY A 100 8.47 19.60 -8.84
N TYR A 101 8.05 18.45 -8.33
CA TYR A 101 7.40 18.36 -7.01
C TYR A 101 8.21 18.98 -5.85
N LEU A 102 9.54 18.83 -5.91
CA LEU A 102 10.42 19.35 -4.84
C LEU A 102 10.44 20.88 -4.80
N LYS A 103 10.22 21.53 -5.93
CA LYS A 103 10.11 22.99 -5.96
C LYS A 103 8.80 23.48 -5.32
N SER A 104 7.84 22.59 -5.17
CA SER A 104 6.50 23.03 -4.74
C SER A 104 6.13 22.57 -3.35
N PHE A 105 6.16 21.27 -3.10
CA PHE A 105 5.76 20.75 -1.80
C PHE A 105 6.74 19.74 -1.18
N PRO A 106 8.04 20.11 -1.08
CA PRO A 106 9.02 19.16 -0.51
C PRO A 106 8.67 18.72 0.90
N ASN A 107 7.97 19.57 1.64
CA ASN A 107 7.56 19.25 3.02
C ASN A 107 6.46 18.18 3.10
N LEU A 108 5.78 17.93 1.99
CA LEU A 108 4.70 16.95 1.97
C LEU A 108 5.13 15.57 1.46
N LEU A 109 6.33 15.48 0.88
CA LEU A 109 6.73 14.26 0.19
C LEU A 109 6.99 13.11 1.16
N GLY A 110 6.45 11.93 0.87
CA GLY A 110 6.84 10.72 1.59
C GLY A 110 7.76 9.92 0.67
N CYS A 111 8.99 9.65 1.11
CA CYS A 111 9.93 8.88 0.30
C CYS A 111 10.01 7.46 0.85
N VAL A 112 10.23 6.48 -0.02
CA VAL A 112 10.42 5.13 0.44
C VAL A 112 11.90 4.95 0.79
N CYS A 113 12.20 4.46 1.99
CA CYS A 113 13.57 4.10 2.36
CA CYS A 113 13.55 4.13 2.40
C CYS A 113 13.61 2.68 2.87
N GLY A 114 14.79 2.09 2.78
CA GLY A 114 14.95 0.69 3.15
C GLY A 114 16.33 0.38 3.66
N LEU A 115 16.50 -0.84 4.14
CA LEU A 115 17.81 -1.33 4.54
C LEU A 115 18.43 -1.96 3.31
N HIS A 116 19.27 -1.19 2.64
CA HIS A 116 19.88 -1.59 1.38
C HIS A 116 21.32 -2.13 1.55
N GLY A 117 21.79 -2.24 2.78
CA GLY A 117 23.16 -2.66 3.03
C GLY A 117 23.43 -4.16 2.90
N THR A 118 24.56 -4.58 3.47
CA THR A 118 25.00 -5.97 3.46
C THR A 118 24.29 -6.74 4.57
N GLU A 119 24.35 -8.07 4.50
CA GLU A 119 23.74 -8.89 5.54
C GLU A 119 24.27 -8.50 6.91
N ARG A 120 25.57 -8.22 6.97
CA ARG A 120 26.24 -7.86 8.21
C ARG A 120 25.72 -6.52 8.77
N GLU A 121 25.66 -5.50 7.94
CA GLU A 121 25.12 -4.19 8.34
C GLU A 121 23.65 -4.28 8.75
N ILE A 122 22.88 -5.07 8.02
CA ILE A 122 21.47 -5.21 8.34
C ILE A 122 21.30 -5.90 9.69
N ASN A 123 22.05 -6.99 9.90
CA ASN A 123 22.06 -7.69 11.19
C ASN A 123 22.39 -6.75 12.34
N ALA A 124 23.36 -5.87 12.10
CA ALA A 124 23.75 -4.88 13.11
C ALA A 124 22.64 -3.87 13.38
N ALA A 125 21.95 -3.41 12.32
CA ALA A 125 20.78 -2.54 12.51
C ALA A 125 19.74 -3.22 13.41
N VAL A 126 19.45 -4.48 13.13
CA VAL A 126 18.46 -5.24 13.89
C VAL A 126 18.90 -5.43 15.35
N SER A 127 20.20 -5.70 15.54
CA SER A 127 20.76 -5.80 16.90
C SER A 127 20.55 -4.52 17.69
N ARG A 128 20.77 -3.37 17.05
CA ARG A 128 20.53 -2.09 17.71
C ARG A 128 19.09 -1.96 18.16
N PHE A 129 18.18 -2.38 17.30
CA PHE A 129 16.76 -2.34 17.64
C PHE A 129 16.50 -3.25 18.85
N ASP A 130 17.03 -4.46 18.81
CA ASP A 130 16.90 -5.42 19.92
C ASP A 130 17.34 -4.86 21.27
N ALA A 131 18.34 -3.98 21.26
CA ALA A 131 18.81 -3.40 22.51
C ALA A 131 18.05 -2.13 22.83
N GLY A 132 17.03 -1.82 22.07
CA GLY A 132 16.27 -0.60 22.29
C GLY A 132 16.95 0.62 21.69
N GLY A 133 17.89 0.37 20.79
CA GLY A 133 18.59 1.45 20.10
C GLY A 133 17.87 1.79 18.81
N ASP A 134 18.57 2.45 17.88
CA ASP A 134 17.93 2.97 16.68
C ASP A 134 18.40 2.27 15.41
N TRP A 135 17.54 1.43 14.85
CA TRP A 135 17.91 0.74 13.62
C TRP A 135 17.79 1.65 12.40
N THR A 136 17.04 2.75 12.52
CA THR A 136 16.68 3.53 11.34
C THR A 136 17.85 4.28 10.71
N THR A 137 18.96 4.42 11.44
CA THR A 137 20.17 5.07 10.91
C THR A 137 20.78 4.27 9.77
N SER A 138 20.42 3.00 9.64
CA SER A 138 20.89 2.21 8.50
C SER A 138 20.00 2.32 7.25
N LEU A 139 18.94 3.13 7.32
CA LEU A 139 18.03 3.33 6.18
C LEU A 139 18.67 4.22 5.12
N SER A 140 18.36 3.95 3.86
CA SER A 140 18.74 4.85 2.79
C SER A 140 17.60 4.89 1.78
N PRO A 141 17.51 5.99 1.02
CA PRO A 141 16.36 6.13 0.11
C PRO A 141 16.37 5.10 -1.03
N ALA A 142 15.18 4.61 -1.35
CA ALA A 142 14.97 3.77 -2.52
C ALA A 142 14.77 4.68 -3.72
N ASP A 143 14.46 4.09 -4.87
CA ASP A 143 14.15 4.86 -6.06
C ASP A 143 12.63 5.10 -6.17
N LEU A 144 11.93 5.00 -5.06
CA LEU A 144 10.47 5.18 -5.06
C LEU A 144 10.02 6.21 -4.05
N VAL A 145 8.93 6.91 -4.36
CA VAL A 145 8.22 7.73 -3.40
C VAL A 145 6.76 7.27 -3.27
N LEU A 146 6.12 7.67 -2.19
CA LEU A 146 4.67 7.51 -2.10
C LEU A 146 4.05 8.60 -2.96
N SER A 147 3.13 8.22 -3.81
CA SER A 147 2.59 9.18 -4.78
C SER A 147 1.76 10.28 -4.10
N PRO A 148 2.10 11.55 -4.37
CA PRO A 148 1.35 12.62 -3.71
C PRO A 148 0.10 13.04 -4.48
N ALA A 149 -0.04 12.61 -5.72
CA ALA A 149 -1.28 12.80 -6.47
C ALA A 149 -1.36 11.69 -7.51
N ALA A 150 -2.57 11.39 -7.95
CA ALA A 150 -2.79 10.28 -8.87
C ALA A 150 -2.26 10.52 -10.27
N CYS A 151 -2.20 11.78 -10.69
CA CYS A 151 -1.93 12.04 -12.10
C CYS A 151 -0.45 12.00 -12.50
N TYR A 152 0.46 12.23 -11.57
CA TYR A 152 1.90 12.33 -11.91
C TYR A 152 2.42 11.21 -12.81
N PRO A 153 2.09 9.94 -12.52
CA PRO A 153 2.68 8.91 -13.40
C PRO A 153 2.13 8.90 -14.83
N VAL A 154 1.04 9.61 -15.10
CA VAL A 154 0.42 9.49 -16.42
C VAL A 154 1.14 10.28 -17.52
N TYR A 155 1.81 11.36 -17.17
CA TYR A 155 2.49 12.19 -18.17
C TYR A 155 3.64 11.47 -18.91
N PRO A 156 4.58 10.85 -18.18
CA PRO A 156 5.61 10.10 -18.93
C PRO A 156 4.99 8.97 -19.75
N ILE A 157 3.93 8.36 -19.25
CA ILE A 157 3.26 7.31 -20.02
C ILE A 157 2.70 7.89 -21.31
N ALA A 158 2.06 9.05 -21.20
CA ALA A 158 1.48 9.70 -22.37
C ALA A 158 2.56 10.09 -23.38
N ALA A 159 3.67 10.62 -22.86
CA ALA A 159 4.79 11.07 -23.69
C ALA A 159 5.36 9.98 -24.59
N SER A 160 5.33 8.73 -24.11
CA SER A 160 6.00 7.63 -24.80
C SER A 160 5.29 7.21 -26.06
N ARG A 161 4.08 7.74 -26.27
CA ARG A 161 3.26 7.33 -27.41
C ARG A 161 3.43 8.24 -28.64
N GLY A 162 4.29 9.24 -28.54
CA GLY A 162 4.48 10.19 -29.62
C GLY A 162 3.55 11.38 -29.55
N PRO A 163 3.42 12.11 -30.67
CA PRO A 163 2.57 13.31 -30.70
C PRO A 163 1.08 12.98 -30.49
N LEU A 164 0.37 13.91 -29.87
CA LEU A 164 -1.04 13.70 -29.54
C LEU A 164 -1.93 13.70 -30.77
N PRO A 165 -2.99 12.89 -30.74
CA PRO A 165 -4.01 12.98 -31.78
C PRO A 165 -4.76 14.30 -31.70
N LYS A 166 -5.52 14.63 -32.74
CA LYS A 166 -6.40 15.79 -32.70
C LYS A 166 -7.44 15.59 -31.60
N GLY A 167 -7.60 16.58 -30.75
CA GLY A 167 -8.56 16.47 -29.65
C GLY A 167 -7.90 16.01 -28.35
N GLY A 168 -6.65 15.56 -28.46
CA GLY A 168 -5.84 15.20 -27.31
C GLY A 168 -6.12 13.84 -26.70
N LEU A 169 -5.62 13.63 -25.50
CA LEU A 169 -5.84 12.35 -24.81
C LEU A 169 -6.54 12.62 -23.49
N ARG A 170 -7.37 11.68 -23.06
CA ARG A 170 -8.01 11.78 -21.76
C ARG A 170 -7.72 10.54 -20.95
N PHE A 171 -7.38 10.73 -19.68
CA PHE A 171 -7.14 9.60 -18.78
C PHE A 171 -8.02 9.63 -17.53
N ASP A 172 -8.36 8.43 -17.07
CA ASP A 172 -9.07 8.21 -15.82
C ASP A 172 -8.03 7.53 -14.95
N VAL A 173 -7.51 8.23 -13.95
CA VAL A 173 -6.49 7.66 -13.09
C VAL A 173 -6.93 7.62 -11.62
N ALA A 174 -6.33 6.71 -10.86
CA ALA A 174 -6.59 6.62 -9.42
C ALA A 174 -5.39 6.05 -8.70
N ALA A 175 -5.19 6.50 -7.46
CA ALA A 175 -4.12 5.99 -6.62
C ALA A 175 -4.42 6.31 -5.16
N ASP A 176 -3.91 5.47 -4.26
CA ASP A 176 -3.79 5.87 -2.86
C ASP A 176 -2.61 6.83 -2.78
N CYS A 177 -2.89 8.06 -2.37
CA CYS A 177 -1.88 9.09 -2.29
C CYS A 177 -1.42 9.37 -0.87
N PHE A 178 -0.26 10.01 -0.75
CA PHE A 178 0.28 10.29 0.58
C PHE A 178 0.72 11.72 0.67
N ARG A 179 0.41 12.35 1.78
CA ARG A 179 0.93 13.68 2.04
C ARG A 179 1.29 13.78 3.50
N ARG A 180 2.53 14.19 3.74
CA ARG A 180 3.09 14.22 5.07
CA ARG A 180 3.06 14.21 5.09
C ARG A 180 2.52 15.42 5.84
N GLU A 181 1.25 15.34 6.22
CA GLU A 181 0.62 16.38 7.02
CA GLU A 181 0.65 16.38 7.05
C GLU A 181 -0.26 15.76 8.10
N PRO A 182 0.35 15.30 9.20
CA PRO A 182 -0.38 14.66 10.29
C PRO A 182 -1.43 15.62 10.87
N SER A 183 -2.63 15.12 11.13
CA SER A 183 -3.71 15.91 11.68
C SER A 183 -4.71 14.93 12.30
N LYS A 184 -5.46 15.37 13.30
CA LYS A 184 -6.52 14.55 13.88
C LYS A 184 -7.87 14.81 13.20
N HIS A 185 -7.91 15.78 12.28
CA HIS A 185 -9.18 16.06 11.61
C HIS A 185 -9.49 15.00 10.57
N LEU A 186 -10.74 14.54 10.54
CA LEU A 186 -11.10 13.43 9.69
C LEU A 186 -11.08 13.76 8.22
N ASP A 187 -11.05 15.06 7.89
CA ASP A 187 -10.91 15.48 6.49
C ASP A 187 -9.47 15.87 6.10
N ARG A 188 -8.53 15.60 6.98
CA ARG A 188 -7.13 15.89 6.67
C ARG A 188 -6.29 14.68 6.97
N LEU A 189 -6.16 13.79 5.98
CA LEU A 189 -5.50 12.51 6.16
C LEU A 189 -4.08 12.55 5.60
N GLN A 190 -3.25 11.58 5.99
CA GLN A 190 -1.93 11.41 5.35
C GLN A 190 -2.01 10.44 4.18
N SER A 191 -2.84 9.41 4.33
CA SER A 191 -3.04 8.43 3.28
C SER A 191 -4.48 8.51 2.83
N PHE A 192 -4.72 8.82 1.55
CA PHE A 192 -6.10 9.00 1.08
C PHE A 192 -6.21 8.65 -0.39
N ARG A 193 -7.43 8.34 -0.81
CA ARG A 193 -7.71 7.92 -2.18
C ARG A 193 -8.07 9.09 -3.06
N MET A 194 -7.36 9.17 -4.19
CA MET A 194 -7.61 10.23 -5.15
CA MET A 194 -7.55 10.21 -5.18
C MET A 194 -8.01 9.62 -6.50
N ARG A 195 -8.99 10.24 -7.12
CA ARG A 195 -9.46 9.86 -8.44
C ARG A 195 -9.38 11.10 -9.30
N GLU A 196 -8.83 10.97 -10.50
CA GLU A 196 -8.70 12.11 -11.40
C GLU A 196 -9.05 11.77 -12.85
N TYR A 197 -9.63 12.75 -13.52
CA TYR A 197 -9.69 12.71 -14.97
C TYR A 197 -8.71 13.74 -15.49
N VAL A 198 -7.86 13.31 -16.40
CA VAL A 198 -6.77 14.14 -16.89
C VAL A 198 -6.92 14.40 -18.40
N CYS A 199 -6.78 15.66 -18.79
CA CYS A 199 -6.80 16.00 -20.21
C CYS A 199 -5.44 16.47 -20.70
N ILE A 200 -4.95 15.89 -21.79
CA ILE A 200 -3.72 16.37 -22.39
C ILE A 200 -3.97 16.74 -23.85
N GLY A 201 -3.65 17.98 -24.23
CA GLY A 201 -3.91 18.46 -25.59
C GLY A 201 -3.56 19.93 -25.80
N THR A 202 -4.30 20.60 -26.68
CA THR A 202 -4.12 22.05 -26.89
C THR A 202 -4.73 22.79 -25.73
N PRO A 203 -4.40 24.08 -25.58
CA PRO A 203 -5.09 24.92 -24.58
C PRO A 203 -6.61 24.80 -24.63
N ASP A 204 -7.16 24.72 -25.84
CA ASP A 204 -8.61 24.65 -26.03
C ASP A 204 -9.19 23.34 -25.54
N ASP A 205 -8.53 22.24 -25.90
CA ASP A 205 -8.93 20.91 -25.45
C ASP A 205 -9.06 20.91 -23.93
N VAL A 206 -8.04 21.43 -23.26
CA VAL A 206 -7.98 21.41 -21.80
C VAL A 206 -9.00 22.37 -21.18
N SER A 207 -9.08 23.57 -21.74
CA SER A 207 -10.07 24.56 -21.34
C SER A 207 -11.50 24.01 -21.42
N ASP A 208 -11.86 23.45 -22.58
CA ASP A 208 -13.17 22.86 -22.77
C ASP A 208 -13.44 21.74 -21.78
N PHE A 209 -12.42 20.93 -21.54
CA PHE A 209 -12.51 19.80 -20.63
C PHE A 209 -12.79 20.30 -19.21
N ARG A 210 -12.02 21.27 -18.75
CA ARG A 210 -12.21 21.80 -17.40
C ARG A 210 -13.59 22.44 -17.22
N GLU A 211 -14.08 23.10 -18.27
CA GLU A 211 -15.37 23.75 -18.18
C GLU A 211 -16.49 22.73 -18.10
N ARG A 212 -16.40 21.68 -18.91
CA ARG A 212 -17.38 20.61 -18.82
C ARG A 212 -17.41 20.03 -17.41
N TRP A 213 -16.23 19.78 -16.84
CA TRP A 213 -16.16 19.09 -15.56
C TRP A 213 -16.55 19.95 -14.37
N MET A 214 -16.30 21.25 -14.45
CA MET A 214 -16.78 22.15 -13.41
C MET A 214 -18.30 22.19 -13.31
N VAL A 215 -18.98 22.11 -14.45
CA VAL A 215 -20.45 22.07 -14.47
C VAL A 215 -20.91 20.72 -13.97
N ARG A 216 -20.32 19.69 -14.54
CA ARG A 216 -20.66 18.31 -14.24
C ARG A 216 -20.40 17.95 -12.76
N ALA A 217 -19.29 18.46 -12.19
CA ALA A 217 -18.96 18.17 -10.79
C ALA A 217 -20.00 18.76 -9.87
N GLN A 218 -20.49 19.94 -10.22
CA GLN A 218 -21.49 20.59 -9.38
C GLN A 218 -22.81 19.85 -9.45
N ALA A 219 -23.13 19.29 -10.61
CA ALA A 219 -24.37 18.53 -10.77
C ALA A 219 -24.33 17.28 -9.92
N ILE A 220 -23.17 16.65 -9.88
CA ILE A 220 -22.95 15.46 -9.06
C ILE A 220 -23.13 15.77 -7.58
N ALA A 221 -22.47 16.84 -7.11
CA ALA A 221 -22.57 17.23 -5.72
C ALA A 221 -24.01 17.57 -5.36
N ARG A 222 -24.74 18.15 -6.30
CA ARG A 222 -26.14 18.53 -6.08
C ARG A 222 -27.02 17.28 -5.94
N ASP A 223 -26.81 16.30 -6.82
CA ASP A 223 -27.56 15.05 -6.75
C ASP A 223 -27.18 14.26 -5.50
N LEU A 224 -25.98 14.49 -4.96
CA LEU A 224 -25.54 13.79 -3.74
C LEU A 224 -26.09 14.46 -2.48
N GLY A 225 -26.79 15.58 -2.68
CA GLY A 225 -27.44 16.31 -1.60
C GLY A 225 -26.46 17.13 -0.79
N LEU A 226 -25.32 17.47 -1.38
CA LEU A 226 -24.25 18.18 -0.69
C LEU A 226 -24.41 19.68 -0.88
N THR A 227 -24.02 20.45 0.13
CA THR A 227 -23.98 21.91 0.04
C THR A 227 -22.57 22.31 -0.35
N PHE A 228 -22.44 23.24 -1.27
CA PHE A 228 -21.11 23.59 -1.77
C PHE A 228 -21.07 24.92 -2.51
N ARG A 229 -19.86 25.44 -2.69
CA ARG A 229 -19.64 26.41 -3.76
C ARG A 229 -18.30 26.16 -4.45
N VAL A 230 -18.18 26.64 -5.67
CA VAL A 230 -16.94 26.51 -6.41
C VAL A 230 -16.25 27.85 -6.36
N ASP A 231 -14.97 27.84 -6.03
CA ASP A 231 -14.25 29.08 -5.84
C ASP A 231 -12.82 28.94 -6.31
N TYR A 232 -12.20 30.08 -6.63
CA TYR A 232 -10.78 30.13 -6.97
C TYR A 232 -9.99 29.63 -5.77
N ALA A 233 -8.86 28.96 -6.05
CA ALA A 233 -8.05 28.42 -4.98
C ALA A 233 -6.58 28.40 -5.36
N SER A 234 -5.74 27.98 -4.41
CA SER A 234 -4.32 27.81 -4.67
C SER A 234 -3.78 26.60 -3.91
N ASP A 235 -2.72 26.00 -4.44
CA ASP A 235 -2.04 24.89 -3.79
C ASP A 235 -1.16 25.45 -2.66
N PRO A 236 -0.89 24.63 -1.64
CA PRO A 236 -0.11 25.10 -0.48
C PRO A 236 1.40 25.03 -0.72
N PHE A 237 1.88 25.79 -1.69
CA PHE A 237 3.29 25.87 -2.02
C PHE A 237 4.16 26.17 -0.78
N PHE A 238 5.30 25.50 -0.69
CA PHE A 238 6.14 25.63 0.49
C PHE A 238 6.98 26.91 0.48
N GLY A 239 7.17 27.51 1.64
CA GLY A 239 8.08 28.63 1.79
C GLY A 239 7.49 30.00 1.50
N ARG A 240 8.28 31.05 1.78
CA ARG A 240 7.90 32.43 1.51
C ARG A 240 7.57 32.60 0.04
N VAL A 241 8.53 32.24 -0.82
CA VAL A 241 8.32 32.22 -2.27
C VAL A 241 7.08 31.41 -2.63
N GLY A 242 6.78 30.39 -1.81
CA GLY A 242 5.62 29.54 -2.01
C GLY A 242 4.33 30.31 -1.93
N GLN A 243 4.17 31.07 -0.85
CA GLN A 243 3.05 31.98 -0.64
C GLN A 243 2.73 32.82 -1.87
N MET A 244 3.76 33.35 -2.51
CA MET A 244 3.60 34.23 -3.65
C MET A 244 3.18 33.47 -4.89
N LYS A 245 3.76 32.29 -5.11
CA LYS A 245 3.32 31.39 -6.17
C LYS A 245 1.81 31.12 -6.08
N ALA A 246 1.30 31.02 -4.86
CA ALA A 246 -0.10 30.73 -4.62
C ALA A 246 -0.96 31.94 -5.00
N VAL A 247 -0.51 33.13 -4.61
CA VAL A 247 -1.17 34.37 -5.00
C VAL A 247 -1.29 34.45 -6.52
N SER A 248 -0.18 34.20 -7.22
CA SER A 248 -0.19 34.26 -8.68
C SER A 248 -1.07 33.18 -9.30
N GLN A 249 -1.08 32.00 -8.69
CA GLN A 249 -1.92 30.91 -9.17
C GLN A 249 -3.40 31.31 -9.05
N LYS A 250 -3.73 31.95 -7.92
CA LYS A 250 -5.08 32.43 -7.66
C LYS A 250 -5.49 33.48 -8.69
N GLN A 251 -4.63 34.47 -8.90
CA GLN A 251 -4.88 35.55 -9.86
C GLN A 251 -5.05 35.04 -11.29
N GLN A 252 -4.32 34.00 -11.67
CA GLN A 252 -4.47 33.44 -13.01
C GLN A 252 -5.61 32.43 -13.08
N GLN A 253 -6.26 32.17 -11.95
CA GLN A 253 -7.36 31.22 -11.91
C GLN A 253 -6.99 29.84 -12.48
N LEU A 254 -5.84 29.32 -12.09
CA LEU A 254 -5.43 28.02 -12.58
C LEU A 254 -6.06 26.87 -11.77
N LYS A 255 -6.66 27.21 -10.63
CA LYS A 255 -7.19 26.19 -9.73
C LYS A 255 -8.53 26.58 -9.13
N PHE A 256 -9.53 25.75 -9.37
CA PHE A 256 -10.80 25.85 -8.65
C PHE A 256 -10.97 24.70 -7.69
N GLU A 257 -11.76 24.93 -6.64
CA GLU A 257 -12.11 23.89 -5.68
C GLU A 257 -13.61 23.89 -5.42
N LEU A 258 -14.17 22.69 -5.27
CA LEU A 258 -15.55 22.56 -4.80
C LEU A 258 -15.47 22.41 -3.30
N LEU A 259 -16.00 23.38 -2.60
CA LEU A 259 -15.78 23.53 -1.16
C LEU A 259 -17.06 23.18 -0.44
N ILE A 260 -16.97 22.28 0.52
CA ILE A 260 -18.14 21.85 1.28
C ILE A 260 -17.93 22.24 2.74
N PRO A 261 -18.92 22.97 3.30
CA PRO A 261 -18.80 23.39 4.69
C PRO A 261 -19.10 22.23 5.62
N LEU A 262 -18.04 21.63 6.14
CA LEU A 262 -18.20 20.53 7.07
C LEU A 262 -18.08 21.04 8.51
N ARG A 263 -16.92 21.56 8.87
CA ARG A 263 -16.71 22.01 10.25
C ARG A 263 -17.16 23.45 10.47
N SER A 264 -17.20 24.22 9.39
CA SER A 264 -17.73 25.60 9.41
C SER A 264 -17.88 26.09 7.97
N GLU A 265 -18.75 27.10 7.78
CA GLU A 265 -18.95 27.67 6.45
C GLU A 265 -17.83 28.63 6.09
N GLU A 266 -17.09 29.09 7.09
CA GLU A 266 -15.95 29.97 6.87
C GLU A 266 -14.67 29.18 6.58
N GLN A 267 -14.65 27.92 7.01
N GLN A 267 -14.64 27.92 7.00
CA GLN A 267 -13.54 27.01 6.73
CA GLN A 267 -13.51 27.06 6.65
C GLN A 267 -14.03 25.74 6.03
C GLN A 267 -13.98 25.77 6.00
N PRO A 268 -14.56 25.88 4.79
CA PRO A 268 -15.11 24.71 4.11
C PRO A 268 -14.01 23.75 3.68
N THR A 269 -14.39 22.54 3.29
CA THR A 269 -13.40 21.54 2.91
C THR A 269 -13.40 21.34 1.40
N ALA A 270 -12.24 21.43 0.78
CA ALA A 270 -12.13 21.17 -0.65
C ALA A 270 -12.22 19.66 -0.95
N CYS A 271 -13.27 19.25 -1.65
CA CYS A 271 -13.53 17.85 -1.91
C CYS A 271 -13.27 17.51 -3.37
N MET A 272 -13.17 18.53 -4.21
CA MET A 272 -12.74 18.36 -5.61
C MET A 272 -11.91 19.56 -6.00
N SER A 273 -10.99 19.36 -6.92
CA SER A 273 -10.27 20.49 -7.49
C SER A 273 -10.28 20.39 -9.01
N PHE A 274 -10.10 21.53 -9.66
CA PHE A 274 -10.09 21.62 -11.10
C PHE A 274 -8.84 22.41 -11.45
N ASN A 275 -7.86 21.72 -12.02
CA ASN A 275 -6.51 22.26 -12.12
C ASN A 275 -6.06 22.46 -13.57
N TYR A 276 -5.57 23.65 -13.87
CA TYR A 276 -4.98 23.95 -15.18
C TYR A 276 -3.48 24.11 -15.01
N HIS A 277 -2.70 23.25 -15.67
CA HIS A 277 -1.25 23.30 -15.53
C HIS A 277 -0.57 24.05 -16.68
N ARG A 278 -1.35 24.56 -17.62
CA ARG A 278 -0.79 25.09 -18.87
C ARG A 278 0.15 24.06 -19.48
N GLU A 279 1.33 24.49 -19.92
CA GLU A 279 2.27 23.61 -20.62
C GLU A 279 3.38 23.01 -19.74
N HIS A 280 3.26 23.17 -18.42
CA HIS A 280 4.26 22.65 -17.48
C HIS A 280 4.61 21.18 -17.68
N PHE A 281 3.62 20.30 -17.70
CA PHE A 281 3.92 18.89 -17.92
C PHE A 281 4.21 18.60 -19.38
N GLY A 282 3.60 19.35 -20.29
CA GLY A 282 3.85 19.17 -21.71
C GLY A 282 5.31 19.40 -22.02
N THR A 283 5.86 20.46 -21.45
CA THR A 283 7.24 20.82 -21.68
C THR A 283 8.18 19.89 -20.95
N THR A 284 7.83 19.59 -19.69
CA THR A 284 8.66 18.71 -18.88
C THR A 284 8.89 17.36 -19.54
N TRP A 285 7.83 16.79 -20.12
CA TRP A 285 7.92 15.44 -20.65
C TRP A 285 7.98 15.38 -22.17
N GLY A 286 8.13 16.53 -22.82
CA GLY A 286 8.23 16.60 -24.27
C GLY A 286 6.98 16.10 -24.98
N ILE A 287 5.81 16.44 -24.46
CA ILE A 287 4.58 16.03 -25.10
C ILE A 287 4.18 17.13 -26.08
N GLN A 288 3.89 16.72 -27.32
CA GLN A 288 3.53 17.65 -28.38
C GLN A 288 2.08 17.40 -28.77
N ASP A 289 1.30 18.47 -28.89
CA ASP A 289 -0.08 18.35 -29.38
C ASP A 289 -0.09 18.12 -30.89
N ALA A 290 -1.28 18.04 -31.49
CA ALA A 290 -1.39 17.72 -32.91
C ALA A 290 -0.88 18.84 -33.83
N ASN A 291 -0.65 20.03 -33.28
CA ASN A 291 -0.09 21.14 -34.03
C ASN A 291 1.39 21.38 -33.73
N GLY A 292 2.06 20.36 -33.20
CA GLY A 292 3.49 20.44 -32.93
C GLY A 292 3.91 21.37 -31.80
N GLU A 293 2.98 21.75 -30.94
CA GLU A 293 3.32 22.62 -29.79
C GLU A 293 3.29 21.87 -28.47
N PRO A 294 4.09 22.33 -27.48
CA PRO A 294 4.12 21.72 -26.15
C PRO A 294 2.70 21.60 -25.58
N ALA A 295 2.24 20.38 -25.34
CA ALA A 295 0.88 20.14 -24.89
C ALA A 295 0.51 20.89 -23.60
N HIS A 296 -0.75 21.27 -23.48
CA HIS A 296 -1.24 21.76 -22.22
C HIS A 296 -1.87 20.59 -21.48
N THR A 297 -1.97 20.69 -20.16
CA THR A 297 -2.65 19.65 -19.39
C THR A 297 -3.53 20.23 -18.29
N GLY A 298 -4.53 19.45 -17.90
CA GLY A 298 -5.39 19.81 -16.79
C GLY A 298 -6.02 18.58 -16.20
N CYS A 299 -6.46 18.69 -14.95
CA CYS A 299 -7.15 17.57 -14.32
C CYS A 299 -8.29 17.99 -13.40
N VAL A 300 -9.25 17.09 -13.28
CA VAL A 300 -10.29 17.23 -12.28
CA VAL A 300 -10.31 17.20 -12.29
C VAL A 300 -10.03 16.14 -11.25
N ALA A 301 -9.87 16.56 -10.00
CA ALA A 301 -9.50 15.65 -8.92
C ALA A 301 -10.64 15.47 -7.94
N PHE A 302 -10.93 14.22 -7.61
CA PHE A 302 -11.95 13.91 -6.61
C PHE A 302 -11.27 13.31 -5.39
N GLY A 303 -11.43 13.94 -4.23
CA GLY A 303 -10.90 13.38 -3.00
C GLY A 303 -11.94 12.42 -2.45
N MET A 304 -11.71 11.12 -2.64
CA MET A 304 -12.69 10.09 -2.32
C MET A 304 -13.03 10.06 -0.84
N ASP A 305 -12.00 10.15 -0.01
CA ASP A 305 -12.19 10.14 1.43
C ASP A 305 -12.87 11.40 1.93
N ARG A 306 -12.52 12.56 1.36
CA ARG A 306 -13.24 13.80 1.70
C ARG A 306 -14.70 13.78 1.27
N LEU A 307 -14.98 13.23 0.11
CA LEU A 307 -16.37 13.13 -0.36
C LEU A 307 -17.19 12.16 0.50
N ALA A 308 -16.59 11.02 0.86
CA ALA A 308 -17.29 10.08 1.72
C ALA A 308 -17.58 10.69 3.10
N VAL A 309 -16.57 11.31 3.69
CA VAL A 309 -16.77 11.96 4.98
C VAL A 309 -17.85 13.06 4.86
N ALA A 310 -17.81 13.83 3.76
CA ALA A 310 -18.86 14.83 3.47
C ALA A 310 -20.26 14.22 3.44
N MET A 311 -20.40 13.05 2.81
CA MET A 311 -21.69 12.35 2.74
C MET A 311 -22.18 11.91 4.10
N PHE A 312 -21.29 11.33 4.91
CA PHE A 312 -21.70 10.84 6.23
C PHE A 312 -22.03 12.03 7.17
N HIS A 313 -21.28 13.11 7.06
CA HIS A 313 -21.55 14.29 7.84
C HIS A 313 -22.93 14.90 7.49
N THR A 314 -23.24 14.96 6.19
CA THR A 314 -24.47 15.56 5.70
C THR A 314 -25.70 14.70 5.99
N HIS A 315 -25.55 13.41 5.73
CA HIS A 315 -26.66 12.47 5.70
C HIS A 315 -26.69 11.49 6.86
N GLY A 316 -25.60 11.40 7.62
CA GLY A 316 -25.56 10.51 8.77
C GLY A 316 -25.10 9.11 8.43
N THR A 317 -24.87 8.31 9.46
CA THR A 317 -24.30 6.96 9.34
C THR A 317 -25.35 5.86 9.08
N ASP A 318 -26.63 6.24 9.07
CA ASP A 318 -27.72 5.30 8.85
C ASP A 318 -28.21 5.44 7.42
N LEU A 319 -27.73 4.54 6.53
CA LEU A 319 -28.00 4.61 5.10
C LEU A 319 -29.47 4.46 4.74
N SER A 320 -30.23 3.72 5.56
CA SER A 320 -31.65 3.55 5.21
C SER A 320 -32.40 4.87 5.30
N ALA A 321 -31.85 5.81 6.07
CA ALA A 321 -32.48 7.11 6.27
C ALA A 321 -32.03 8.18 5.28
N TRP A 322 -31.04 7.86 4.43
CA TRP A 322 -30.55 8.83 3.44
C TRP A 322 -31.68 9.21 2.50
N PRO A 323 -31.66 10.45 1.97
CA PRO A 323 -32.75 10.88 1.08
C PRO A 323 -32.90 9.98 -0.15
N ALA A 324 -34.14 9.79 -0.60
CA ALA A 324 -34.44 8.81 -1.64
C ALA A 324 -33.68 9.05 -2.94
N LYS A 325 -33.53 10.31 -3.32
CA LYS A 325 -32.90 10.61 -4.59
C LYS A 325 -31.40 10.37 -4.45
N VAL A 326 -30.87 10.54 -3.26
CA VAL A 326 -29.45 10.30 -3.04
C VAL A 326 -29.18 8.82 -3.09
N ARG A 327 -30.01 8.04 -2.38
CA ARG A 327 -29.95 6.59 -2.43
C ARG A 327 -30.10 6.09 -3.86
N ASP A 328 -31.00 6.70 -4.62
CA ASP A 328 -31.16 6.31 -6.02
C ASP A 328 -29.92 6.57 -6.88
N ILE A 329 -29.39 7.79 -6.87
CA ILE A 329 -28.27 8.07 -7.75
C ILE A 329 -27.02 7.26 -7.36
N LEU A 330 -26.96 6.77 -6.13
CA LEU A 330 -25.83 5.93 -5.69
C LEU A 330 -26.09 4.44 -5.91
N GLY A 331 -27.29 4.09 -6.38
CA GLY A 331 -27.63 2.71 -6.59
C GLY A 331 -27.82 1.92 -5.30
N LEU A 332 -28.07 2.61 -4.19
CA LEU A 332 -28.46 1.93 -2.97
C LEU A 332 -29.86 1.34 -3.14
N ALA B 37 13.59 -15.03 -22.42
CA ALA B 37 12.47 -14.25 -21.90
C ALA B 37 11.59 -15.07 -20.94
N ASP B 38 11.23 -14.46 -19.81
CA ASP B 38 10.39 -15.13 -18.83
C ASP B 38 9.02 -15.44 -19.46
N PRO B 39 8.47 -16.62 -19.18
CA PRO B 39 7.19 -17.04 -19.78
C PRO B 39 6.02 -16.08 -19.51
N LEU B 40 6.10 -15.24 -18.49
CA LEU B 40 5.01 -14.31 -18.21
C LEU B 40 5.12 -12.99 -18.99
N ASP B 41 6.30 -12.71 -19.55
CA ASP B 41 6.58 -11.39 -20.15
C ASP B 41 5.61 -10.98 -21.23
N HIS B 42 5.09 -11.95 -21.97
CA HIS B 42 4.16 -11.65 -23.06
C HIS B 42 2.89 -10.95 -22.55
N LEU B 43 2.61 -11.10 -21.26
CA LEU B 43 1.37 -10.55 -20.68
C LEU B 43 1.44 -9.04 -20.48
N ALA B 44 2.65 -8.50 -20.44
CA ALA B 44 2.88 -7.09 -20.11
C ALA B 44 2.12 -6.13 -21.01
N ASP B 45 2.16 -6.37 -22.31
CA ASP B 45 1.50 -5.51 -23.30
C ASP B 45 0.07 -5.17 -22.93
N LYS B 46 -0.70 -6.19 -22.57
CA LYS B 46 -2.12 -5.98 -22.32
C LYS B 46 -2.47 -5.63 -20.87
N LEU B 47 -1.58 -5.95 -19.93
CA LEU B 47 -1.94 -5.81 -18.51
C LEU B 47 -1.35 -4.56 -17.84
N PHE B 48 -0.15 -4.16 -18.25
CA PHE B 48 0.63 -3.18 -17.49
C PHE B 48 1.23 -2.07 -18.35
N HIS B 49 1.53 -0.94 -17.73
CA HIS B 49 2.39 0.07 -18.36
C HIS B 49 3.54 0.32 -17.41
N SER B 50 4.70 0.58 -17.97
CA SER B 50 5.90 0.90 -17.19
C SER B 50 5.74 2.16 -16.36
N MET B 51 6.15 2.10 -15.12
CA MET B 51 6.24 3.29 -14.28
C MET B 51 7.69 3.62 -13.94
N GLY B 52 8.62 3.11 -14.74
CA GLY B 52 10.03 3.39 -14.57
C GLY B 52 10.67 2.73 -13.37
N SER B 53 10.07 1.65 -12.89
CA SER B 53 10.64 0.92 -11.76
C SER B 53 10.19 -0.55 -11.75
N ASP B 54 11.15 -1.47 -11.74
CA ASP B 54 10.84 -2.90 -11.74
C ASP B 54 9.89 -3.24 -10.61
N GLY B 55 8.84 -4.01 -10.90
CA GLY B 55 7.92 -4.43 -9.86
C GLY B 55 6.86 -3.40 -9.49
N VAL B 56 6.88 -2.25 -10.17
CA VAL B 56 5.87 -1.21 -9.97
C VAL B 56 5.27 -0.79 -11.30
N TYR B 57 4.02 -1.17 -11.56
CA TYR B 57 3.40 -0.96 -12.87
C TYR B 57 2.02 -0.33 -12.79
N ALA B 58 1.67 0.42 -13.82
CA ALA B 58 0.31 0.92 -13.96
C ALA B 58 -0.56 -0.24 -14.44
N ARG B 59 -1.78 -0.32 -13.94
CA ARG B 59 -2.69 -1.38 -14.31
C ARG B 59 -3.69 -0.92 -15.38
N THR B 60 -3.83 -1.72 -16.43
CA THR B 60 -4.80 -1.37 -17.48
C THR B 60 -6.21 -1.74 -17.03
N ALA B 61 -7.22 -1.27 -17.76
CA ALA B 61 -8.62 -1.53 -17.44
C ALA B 61 -8.90 -3.01 -17.49
N LEU B 62 -8.39 -3.68 -18.53
CA LEU B 62 -8.49 -5.11 -18.66
C LEU B 62 -8.00 -5.80 -17.40
N TYR B 63 -6.78 -5.49 -16.97
CA TYR B 63 -6.21 -6.13 -15.80
C TYR B 63 -7.05 -5.85 -14.54
N GLU B 64 -7.43 -4.59 -14.33
CA GLU B 64 -8.16 -4.26 -13.12
C GLU B 64 -9.55 -4.88 -13.08
N SER B 65 -10.15 -5.09 -14.24
CA SER B 65 -11.50 -5.64 -14.25
C SER B 65 -11.42 -7.04 -13.66
N ILE B 66 -10.35 -7.75 -13.96
CA ILE B 66 -10.21 -9.11 -13.44
C ILE B 66 -9.84 -9.14 -11.94
N VAL B 67 -8.94 -8.27 -11.49
CA VAL B 67 -8.65 -8.11 -10.06
C VAL B 67 -9.95 -7.80 -9.29
N GLU B 68 -10.78 -6.92 -9.82
CA GLU B 68 -12.04 -6.60 -9.13
C GLU B 68 -13.01 -7.81 -9.10
N ARG B 69 -13.09 -8.57 -10.20
CA ARG B 69 -13.97 -9.74 -10.22
C ARG B 69 -13.46 -10.83 -9.25
N LEU B 70 -12.15 -10.99 -9.15
CA LEU B 70 -11.53 -11.92 -8.22
C LEU B 70 -11.85 -11.51 -6.78
N ALA B 71 -11.71 -10.20 -6.51
CA ALA B 71 -12.00 -9.68 -5.16
C ALA B 71 -13.46 -9.98 -4.81
N ALA B 72 -14.36 -9.76 -5.76
CA ALA B 72 -15.78 -9.97 -5.53
C ALA B 72 -16.04 -11.46 -5.29
N LEU B 73 -15.35 -12.31 -6.05
CA LEU B 73 -15.48 -13.75 -5.85
C LEU B 73 -15.08 -14.13 -4.42
N ILE B 74 -13.92 -13.67 -3.98
CA ILE B 74 -13.46 -13.96 -2.61
C ILE B 74 -14.46 -13.47 -1.56
N THR B 75 -14.93 -12.24 -1.71
CA THR B 75 -15.98 -11.70 -0.86
C THR B 75 -17.22 -12.61 -0.79
N SER B 76 -17.61 -13.21 -1.91
CA SER B 76 -18.80 -14.05 -1.93
C SER B 76 -18.62 -15.28 -1.03
N HIS B 77 -17.37 -15.64 -0.74
CA HIS B 77 -17.11 -16.78 0.16
C HIS B 77 -16.88 -16.38 1.62
N ARG B 78 -17.03 -15.10 1.93
CA ARG B 78 -16.81 -14.64 3.30
C ARG B 78 -17.82 -15.32 4.23
N GLU B 79 -17.37 -15.79 5.38
CA GLU B 79 -18.25 -16.40 6.38
C GLU B 79 -19.01 -15.34 7.14
N ALA B 80 -20.22 -15.68 7.55
CA ALA B 80 -21.05 -14.77 8.34
C ALA B 80 -20.33 -14.45 9.65
N GLY B 81 -20.55 -13.26 10.19
CA GLY B 81 -19.85 -12.85 11.40
C GLY B 81 -18.40 -12.40 11.20
N THR B 82 -17.97 -12.30 9.95
CA THR B 82 -16.61 -11.85 9.65
C THR B 82 -16.58 -10.33 9.47
N GLU B 83 -15.75 -9.66 10.26
CA GLU B 83 -15.68 -8.21 10.25
C GLU B 83 -14.72 -7.66 9.17
N ALA B 84 -15.25 -6.90 8.23
CA ALA B 84 -14.45 -6.38 7.12
C ALA B 84 -13.82 -5.02 7.39
N LEU B 85 -12.48 -4.97 7.30
CA LEU B 85 -11.70 -3.75 7.46
C LEU B 85 -10.84 -3.52 6.22
N ARG B 86 -10.72 -2.26 5.81
CA ARG B 86 -9.79 -1.92 4.75
C ARG B 86 -8.69 -1.01 5.26
N PHE B 87 -7.45 -1.45 5.07
CA PHE B 87 -6.29 -0.71 5.53
C PHE B 87 -5.66 0.08 4.39
N PRO B 88 -5.09 1.25 4.71
CA PRO B 88 -4.36 2.05 3.74
C PRO B 88 -2.99 1.40 3.49
N PRO B 89 -2.19 1.94 2.56
CA PRO B 89 -0.92 1.26 2.25
C PRO B 89 0.22 1.51 3.23
N VAL B 90 -0.02 2.37 4.23
CA VAL B 90 0.96 2.62 5.29
C VAL B 90 0.38 2.19 6.65
N MET B 91 1.25 1.88 7.59
CA MET B 91 0.81 1.58 8.95
C MET B 91 1.84 2.13 9.95
N SER B 92 1.50 2.09 11.23
CA SER B 92 2.38 2.57 12.28
C SER B 92 3.71 1.80 12.29
N ARG B 93 4.83 2.53 12.29
CA ARG B 93 6.14 1.88 12.36
C ARG B 93 6.33 1.20 13.73
N ALA B 94 5.86 1.84 14.80
CA ALA B 94 5.96 1.26 16.14
C ALA B 94 5.20 -0.05 16.20
N GLN B 95 4.03 -0.12 15.56
CA GLN B 95 3.24 -1.36 15.58
C GLN B 95 3.93 -2.44 14.78
N LEU B 96 4.53 -2.07 13.67
CA LEU B 96 5.23 -3.08 12.89
C LEU B 96 6.49 -3.60 13.61
N GLU B 97 7.21 -2.69 14.26
CA GLU B 97 8.41 -3.07 15.02
C GLU B 97 8.01 -4.04 16.13
N LYS B 98 6.92 -3.71 16.81
CA LYS B 98 6.46 -4.51 17.94
C LYS B 98 6.04 -5.89 17.49
N SER B 99 5.53 -5.98 16.27
CA SER B 99 5.04 -7.26 15.75
C SER B 99 6.18 -8.21 15.42
N GLY B 100 7.41 -7.73 15.52
CA GLY B 100 8.58 -8.55 15.27
C GLY B 100 9.05 -8.61 13.82
N TYR B 101 8.49 -7.77 12.94
CA TYR B 101 8.85 -7.82 11.52
C TYR B 101 10.37 -7.67 11.20
N LEU B 102 11.09 -6.87 12.00
CA LEU B 102 12.52 -6.61 11.75
C LEU B 102 13.37 -7.84 12.04
N LYS B 103 12.97 -8.63 13.02
CA LYS B 103 13.70 -9.85 13.32
C LYS B 103 13.53 -10.87 12.19
N SER B 104 12.49 -10.72 11.38
CA SER B 104 12.23 -11.70 10.32
C SER B 104 12.57 -11.24 8.90
N PHE B 105 12.10 -10.07 8.48
CA PHE B 105 12.33 -9.63 7.10
C PHE B 105 12.81 -8.19 6.98
N PRO B 106 13.88 -7.82 7.71
CA PRO B 106 14.37 -6.43 7.71
C PRO B 106 14.70 -5.97 6.31
N ASN B 107 15.08 -6.91 5.44
CA ASN B 107 15.47 -6.59 4.08
C ASN B 107 14.29 -6.25 3.15
N LEU B 108 13.07 -6.63 3.55
CA LEU B 108 11.89 -6.42 2.71
C LEU B 108 11.11 -5.14 3.05
N LEU B 109 11.44 -4.54 4.19
CA LEU B 109 10.65 -3.45 4.75
C LEU B 109 10.86 -2.14 3.98
N GLY B 110 9.76 -1.48 3.62
CA GLY B 110 9.80 -0.12 3.11
C GLY B 110 9.35 0.82 4.19
N CYS B 111 10.21 1.76 4.57
N CYS B 111 10.20 1.76 4.57
CA CYS B 111 9.91 2.76 5.59
CA CYS B 111 9.83 2.75 5.56
C CYS B 111 9.52 4.07 4.91
C CYS B 111 9.50 4.06 4.89
N VAL B 112 8.71 4.88 5.56
CA VAL B 112 8.41 6.19 5.04
C VAL B 112 9.42 7.15 5.66
N CYS B 113 10.07 7.94 4.82
CA CYS B 113 10.92 9.03 5.31
CA CYS B 113 10.90 9.03 5.31
C CYS B 113 10.45 10.34 4.69
N GLY B 114 10.74 11.44 5.38
CA GLY B 114 10.33 12.75 4.89
C GLY B 114 11.35 13.82 5.25
N LEU B 115 11.09 15.03 4.78
CA LEU B 115 11.93 16.16 5.13
C LEU B 115 11.30 16.80 6.35
N HIS B 116 11.86 16.51 7.51
CA HIS B 116 11.23 16.91 8.78
C HIS B 116 11.96 18.08 9.39
N GLY B 117 12.92 18.63 8.66
CA GLY B 117 13.74 19.72 9.18
C GLY B 117 13.05 21.07 9.12
N THR B 118 13.82 22.11 9.40
CA THR B 118 13.32 23.49 9.34
C THR B 118 13.15 23.93 7.88
N GLU B 119 12.47 25.05 7.69
CA GLU B 119 12.30 25.60 6.37
C GLU B 119 13.64 25.87 5.65
N ARG B 120 14.59 26.46 6.38
CA ARG B 120 15.95 26.66 5.86
C ARG B 120 16.60 25.35 5.39
N GLU B 121 16.56 24.33 6.23
CA GLU B 121 17.17 23.04 5.89
C GLU B 121 16.51 22.43 4.66
N ILE B 122 15.19 22.57 4.56
CA ILE B 122 14.45 22.01 3.44
C ILE B 122 14.74 22.76 2.13
N ASN B 123 14.73 24.09 2.19
CA ASN B 123 15.15 24.90 1.06
C ASN B 123 16.59 24.56 0.62
N ALA B 124 17.50 24.38 1.56
CA ALA B 124 18.87 24.02 1.20
C ALA B 124 18.90 22.66 0.48
N ALA B 125 18.11 21.70 0.97
CA ALA B 125 18.09 20.39 0.36
C ALA B 125 17.61 20.48 -1.10
N VAL B 126 16.57 21.27 -1.33
CA VAL B 126 16.03 21.44 -2.68
C VAL B 126 17.07 22.14 -3.57
N SER B 127 17.75 23.14 -3.02
CA SER B 127 18.84 23.83 -3.72
C SER B 127 20.01 22.91 -4.09
N ARG B 128 20.35 21.94 -3.22
CA ARG B 128 21.39 20.98 -3.58
C ARG B 128 20.95 20.15 -4.77
N PHE B 129 19.67 19.71 -4.76
CA PHE B 129 19.08 19.01 -5.89
C PHE B 129 19.21 19.82 -7.19
N ASP B 130 18.81 21.10 -7.16
CA ASP B 130 18.99 22.02 -8.28
C ASP B 130 20.43 22.07 -8.78
N ALA B 131 21.38 21.91 -7.87
CA ALA B 131 22.78 22.06 -8.23
C ALA B 131 23.51 20.72 -8.40
N GLY B 132 22.77 19.68 -8.82
CA GLY B 132 23.36 18.39 -9.13
C GLY B 132 23.64 17.48 -7.93
N GLY B 133 23.28 17.92 -6.74
CA GLY B 133 23.52 17.13 -5.54
C GLY B 133 22.35 16.23 -5.15
N ASP B 134 22.44 15.67 -3.96
CA ASP B 134 21.49 14.68 -3.49
C ASP B 134 20.69 15.28 -2.34
N TRP B 135 19.44 15.65 -2.60
CA TRP B 135 18.58 16.22 -1.56
C TRP B 135 18.22 15.21 -0.46
N THR B 136 18.36 13.92 -0.72
CA THR B 136 17.86 12.93 0.23
C THR B 136 18.67 12.83 1.51
N THR B 137 19.84 13.45 1.53
CA THR B 137 20.61 13.46 2.76
C THR B 137 19.85 14.21 3.85
N SER B 138 18.87 15.03 3.49
CA SER B 138 18.04 15.70 4.50
C SER B 138 16.81 14.88 5.00
N LEU B 139 16.64 13.65 4.50
CA LEU B 139 15.51 12.80 4.88
C LEU B 139 15.72 12.23 6.28
N SER B 140 14.63 12.00 7.00
CA SER B 140 14.65 11.27 8.26
C SER B 140 13.37 10.42 8.37
N PRO B 141 13.42 9.37 9.18
CA PRO B 141 12.30 8.42 9.21
C PRO B 141 11.03 9.08 9.74
N ALA B 142 9.90 8.78 9.13
CA ALA B 142 8.62 9.15 9.71
C ALA B 142 8.24 8.04 10.69
N ASP B 143 7.04 8.13 11.25
CA ASP B 143 6.56 7.12 12.20
C ASP B 143 5.66 6.11 11.48
N LEU B 144 5.82 6.01 10.16
CA LEU B 144 5.04 5.10 9.32
C LEU B 144 5.95 4.22 8.47
N VAL B 145 5.47 3.02 8.17
CA VAL B 145 6.08 2.18 7.15
C VAL B 145 5.02 1.79 6.13
N LEU B 146 5.47 1.30 4.98
CA LEU B 146 4.55 0.71 4.00
C LEU B 146 4.24 -0.69 4.51
N SER B 147 2.97 -1.05 4.48
CA SER B 147 2.55 -2.32 5.07
C SER B 147 3.03 -3.53 4.30
N PRO B 148 3.72 -4.44 4.98
CA PRO B 148 4.26 -5.62 4.28
C PRO B 148 3.23 -6.75 4.13
N ALA B 149 2.20 -6.73 4.95
CA ALA B 149 1.10 -7.69 4.83
C ALA B 149 -0.16 -7.04 5.35
N ALA B 150 -1.30 -7.52 4.90
CA ALA B 150 -2.55 -6.88 5.20
C ALA B 150 -2.97 -7.05 6.65
N CYS B 151 -2.61 -8.16 7.27
CA CYS B 151 -3.16 -8.44 8.60
C CYS B 151 -2.47 -7.75 9.79
N TYR B 152 -1.24 -7.27 9.61
CA TYR B 152 -0.50 -6.67 10.76
C TYR B 152 -1.30 -5.67 11.62
N PRO B 153 -1.99 -4.70 10.99
CA PRO B 153 -2.73 -3.73 11.83
C PRO B 153 -3.93 -4.30 12.56
N VAL B 154 -4.37 -5.49 12.18
CA VAL B 154 -5.61 -5.99 12.76
C VAL B 154 -5.42 -6.43 14.23
N TYR B 155 -4.23 -6.94 14.59
CA TYR B 155 -4.03 -7.45 15.96
C TYR B 155 -4.15 -6.39 17.07
N PRO B 156 -3.51 -5.21 16.92
CA PRO B 156 -3.74 -4.16 17.94
C PRO B 156 -5.20 -3.76 18.01
N ILE B 157 -5.86 -3.73 16.87
CA ILE B 157 -7.27 -3.36 16.85
C ILE B 157 -8.09 -4.38 17.64
N ALA B 158 -7.81 -5.66 17.41
CA ALA B 158 -8.52 -6.70 18.13
C ALA B 158 -8.21 -6.62 19.64
N ALA B 159 -6.94 -6.37 19.95
CA ALA B 159 -6.49 -6.31 21.34
C ALA B 159 -7.21 -5.23 22.15
N SER B 160 -7.58 -4.14 21.49
CA SER B 160 -8.16 -3.01 22.20
C SER B 160 -9.58 -3.29 22.69
N ARG B 161 -10.17 -4.37 22.20
CA ARG B 161 -11.55 -4.71 22.54
C ARG B 161 -11.66 -5.63 23.76
N GLY B 162 -10.53 -5.99 24.36
CA GLY B 162 -10.57 -6.83 25.54
C GLY B 162 -10.55 -8.30 25.20
N PRO B 163 -10.89 -9.16 26.18
CA PRO B 163 -10.81 -10.61 25.95
C PRO B 163 -11.72 -11.04 24.79
N LEU B 164 -11.27 -12.02 24.02
CA LEU B 164 -12.03 -12.55 22.91
C LEU B 164 -13.29 -13.24 23.40
N PRO B 165 -14.37 -13.20 22.59
CA PRO B 165 -15.55 -13.99 22.95
C PRO B 165 -15.30 -15.46 22.59
N LYS B 166 -16.12 -16.36 23.12
CA LYS B 166 -16.04 -17.77 22.75
C LYS B 166 -16.16 -17.90 21.24
N GLY B 167 -15.29 -18.69 20.62
CA GLY B 167 -15.30 -18.85 19.18
C GLY B 167 -14.31 -17.92 18.49
N GLY B 168 -13.85 -16.90 19.22
CA GLY B 168 -12.88 -15.94 18.74
C GLY B 168 -13.43 -14.88 17.78
N LEU B 169 -12.54 -14.19 17.08
CA LEU B 169 -12.94 -13.15 16.13
C LEU B 169 -12.43 -13.51 14.73
N ARG B 170 -13.20 -13.16 13.72
CA ARG B 170 -12.79 -13.32 12.33
C ARG B 170 -12.79 -11.97 11.65
N PHE B 171 -11.75 -11.68 10.87
CA PHE B 171 -11.66 -10.44 10.13
C PHE B 171 -11.40 -10.71 8.65
N ASP B 172 -11.91 -9.80 7.84
CA ASP B 172 -11.64 -9.77 6.41
C ASP B 172 -10.87 -8.46 6.20
N VAL B 173 -9.60 -8.57 5.85
CA VAL B 173 -8.76 -7.38 5.71
C VAL B 173 -8.16 -7.31 4.29
N ALA B 174 -7.87 -6.10 3.82
CA ALA B 174 -7.18 -5.94 2.56
C ALA B 174 -6.30 -4.72 2.70
N ALA B 175 -5.17 -4.74 1.98
CA ALA B 175 -4.29 -3.60 1.91
C ALA B 175 -3.41 -3.71 0.67
N ASP B 176 -3.00 -2.56 0.14
CA ASP B 176 -1.90 -2.53 -0.82
C ASP B 176 -0.65 -2.68 0.01
N CYS B 177 0.10 -3.74 -0.25
CA CYS B 177 1.28 -4.06 0.51
C CYS B 177 2.56 -3.77 -0.25
N PHE B 178 3.66 -3.70 0.48
CA PHE B 178 4.96 -3.39 -0.10
C PHE B 178 6.05 -4.32 0.39
N ARG B 179 6.81 -4.87 -0.54
CA ARG B 179 8.00 -5.63 -0.19
C ARG B 179 9.15 -5.21 -1.08
N ARG B 180 10.27 -4.84 -0.46
N ARG B 180 10.27 -4.87 -0.44
CA ARG B 180 11.41 -4.26 -1.17
CA ARG B 180 11.43 -4.32 -1.12
C ARG B 180 12.21 -5.36 -1.87
C ARG B 180 12.20 -5.43 -1.82
N GLU B 181 11.62 -5.97 -2.89
CA GLU B 181 12.26 -7.01 -3.67
C GLU B 181 12.12 -6.72 -5.18
N PRO B 182 12.91 -5.78 -5.70
CA PRO B 182 12.85 -5.42 -7.13
C PRO B 182 13.05 -6.65 -8.04
N SER B 183 12.19 -6.81 -9.04
CA SER B 183 12.25 -7.92 -9.96
C SER B 183 11.56 -7.52 -11.25
N LYS B 184 11.96 -8.12 -12.37
CA LYS B 184 11.25 -7.90 -13.63
C LYS B 184 10.14 -8.91 -13.87
N HIS B 185 10.07 -9.94 -13.04
CA HIS B 185 9.06 -10.97 -13.22
C HIS B 185 7.70 -10.42 -12.81
N LEU B 186 6.69 -10.68 -13.63
CA LEU B 186 5.37 -10.10 -13.41
C LEU B 186 4.65 -10.72 -12.22
N ASP B 187 5.14 -11.85 -11.73
CA ASP B 187 4.59 -12.43 -10.51
C ASP B 187 5.42 -12.06 -9.26
N ARG B 188 6.35 -11.13 -9.40
CA ARG B 188 7.10 -10.64 -8.25
CA ARG B 188 7.10 -10.64 -8.24
C ARG B 188 7.17 -9.13 -8.24
N LEU B 189 6.17 -8.52 -7.63
CA LEU B 189 6.03 -7.07 -7.60
C LEU B 189 6.54 -6.51 -6.27
N GLN B 190 6.85 -5.22 -6.25
CA GLN B 190 7.17 -4.53 -5.01
C GLN B 190 5.92 -3.97 -4.34
N SER B 191 4.92 -3.63 -5.14
CA SER B 191 3.64 -3.15 -4.61
C SER B 191 2.52 -4.03 -5.17
N PHE B 192 1.73 -4.63 -4.29
CA PHE B 192 0.74 -5.62 -4.71
C PHE B 192 -0.40 -5.69 -3.70
N ARG B 193 -1.57 -6.13 -4.15
CA ARG B 193 -2.76 -6.16 -3.29
C ARG B 193 -2.86 -7.48 -2.60
N MET B 194 -3.10 -7.43 -1.30
CA MET B 194 -3.29 -8.63 -0.51
CA MET B 194 -3.30 -8.61 -0.47
C MET B 194 -4.67 -8.59 0.14
N ARG B 195 -5.33 -9.74 0.17
CA ARG B 195 -6.65 -9.90 0.79
C ARG B 195 -6.50 -11.08 1.74
N GLU B 196 -6.97 -10.94 2.97
CA GLU B 196 -6.82 -12.01 3.93
C GLU B 196 -8.08 -12.21 4.79
N TYR B 197 -8.34 -13.46 5.16
CA TYR B 197 -9.29 -13.74 6.25
C TYR B 197 -8.43 -14.13 7.42
N VAL B 198 -8.71 -13.55 8.57
CA VAL B 198 -7.87 -13.72 9.76
C VAL B 198 -8.72 -14.27 10.88
N CYS B 199 -8.20 -15.27 11.59
CA CYS B 199 -8.88 -15.82 12.76
C CYS B 199 -8.07 -15.57 14.04
N ILE B 200 -8.74 -15.10 15.08
CA ILE B 200 -8.08 -14.87 16.34
C ILE B 200 -8.89 -15.58 17.41
N GLY B 201 -8.29 -16.55 18.08
CA GLY B 201 -9.00 -17.31 19.11
C GLY B 201 -8.14 -18.37 19.78
N THR B 202 -8.77 -19.48 20.18
CA THR B 202 -8.03 -20.63 20.75
C THR B 202 -7.29 -21.36 19.65
N PRO B 203 -6.32 -22.23 20.00
CA PRO B 203 -5.67 -23.06 18.98
C PRO B 203 -6.66 -23.85 18.13
N ASP B 204 -7.70 -24.38 18.76
CA ASP B 204 -8.73 -25.12 18.03
C ASP B 204 -9.51 -24.24 17.05
N ASP B 205 -9.88 -23.03 17.49
CA ASP B 205 -10.52 -22.06 16.59
C ASP B 205 -9.70 -21.85 15.32
N VAL B 206 -8.41 -21.62 15.50
CA VAL B 206 -7.54 -21.30 14.38
C VAL B 206 -7.30 -22.51 13.47
N SER B 207 -7.12 -23.70 14.05
CA SER B 207 -6.88 -24.89 13.23
CA SER B 207 -6.89 -24.87 13.22
C SER B 207 -8.13 -25.25 12.45
N ASP B 208 -9.29 -25.15 13.09
CA ASP B 208 -10.54 -25.42 12.40
C ASP B 208 -10.69 -24.46 11.23
N PHE B 209 -10.40 -23.19 11.50
CA PHE B 209 -10.45 -22.13 10.51
C PHE B 209 -9.51 -22.39 9.32
N ARG B 210 -8.26 -22.74 9.60
CA ARG B 210 -7.30 -23.01 8.53
CA ARG B 210 -7.28 -23.03 8.55
C ARG B 210 -7.71 -24.21 7.68
N GLU B 211 -8.13 -25.29 8.35
CA GLU B 211 -8.59 -26.49 7.66
C GLU B 211 -9.72 -26.16 6.69
N ARG B 212 -10.70 -25.40 7.16
CA ARG B 212 -11.83 -25.06 6.30
C ARG B 212 -11.39 -24.15 5.15
N TRP B 213 -10.45 -23.23 5.40
CA TRP B 213 -10.04 -22.33 4.31
C TRP B 213 -9.17 -23.02 3.28
N MET B 214 -8.39 -24.00 3.69
CA MET B 214 -7.57 -24.75 2.75
C MET B 214 -8.44 -25.53 1.77
N VAL B 215 -9.56 -26.06 2.26
CA VAL B 215 -10.51 -26.77 1.38
C VAL B 215 -11.18 -25.74 0.48
N ARG B 216 -11.65 -24.65 1.06
CA ARG B 216 -12.37 -23.65 0.28
C ARG B 216 -11.49 -22.96 -0.78
N ALA B 217 -10.26 -22.61 -0.43
CA ALA B 217 -9.36 -21.97 -1.37
C ALA B 217 -9.08 -22.83 -2.60
N GLN B 218 -8.96 -24.13 -2.39
CA GLN B 218 -8.74 -25.06 -3.49
C GLN B 218 -9.95 -25.16 -4.42
N ALA B 219 -11.14 -25.15 -3.83
CA ALA B 219 -12.38 -25.16 -4.61
C ALA B 219 -12.46 -23.90 -5.45
N ILE B 220 -12.02 -22.79 -4.89
CA ILE B 220 -12.02 -21.52 -5.61
C ILE B 220 -11.03 -21.59 -6.78
N ALA B 221 -9.83 -22.10 -6.53
CA ALA B 221 -8.86 -22.25 -7.60
C ALA B 221 -9.35 -23.17 -8.73
N ARG B 222 -10.06 -24.24 -8.37
CA ARG B 222 -10.62 -25.14 -9.38
C ARG B 222 -11.73 -24.47 -10.19
N ASP B 223 -12.60 -23.72 -9.52
CA ASP B 223 -13.67 -22.98 -10.18
C ASP B 223 -13.09 -21.97 -11.15
N LEU B 224 -11.88 -21.51 -10.84
CA LEU B 224 -11.21 -20.50 -11.64
C LEU B 224 -10.45 -21.12 -12.81
N GLY B 225 -10.47 -22.45 -12.85
CA GLY B 225 -9.81 -23.18 -13.92
C GLY B 225 -8.30 -23.16 -13.78
N LEU B 226 -7.83 -22.99 -12.55
CA LEU B 226 -6.38 -22.91 -12.32
C LEU B 226 -5.77 -24.28 -12.02
N THR B 227 -4.57 -24.52 -12.52
CA THR B 227 -3.80 -25.72 -12.16
C THR B 227 -2.95 -25.41 -10.93
N PHE B 228 -2.99 -26.26 -9.92
CA PHE B 228 -2.28 -25.95 -8.70
C PHE B 228 -2.03 -27.17 -7.84
N ARG B 229 -1.09 -27.02 -6.91
CA ARG B 229 -0.93 -27.97 -5.82
CA ARG B 229 -0.94 -27.97 -5.81
C ARG B 229 -0.84 -27.22 -4.50
N VAL B 230 -1.09 -27.92 -3.40
CA VAL B 230 -0.90 -27.34 -2.08
C VAL B 230 0.24 -28.04 -1.39
N ASP B 231 1.14 -27.27 -0.80
CA ASP B 231 2.33 -27.83 -0.17
C ASP B 231 2.75 -27.03 1.06
N TYR B 232 3.44 -27.72 1.98
CA TYR B 232 4.10 -27.08 3.13
C TYR B 232 5.07 -26.06 2.59
N ALA B 233 5.34 -25.03 3.38
CA ALA B 233 6.11 -23.90 2.91
C ALA B 233 6.78 -23.18 4.07
N SER B 234 7.64 -22.23 3.73
CA SER B 234 8.29 -21.40 4.74
C SER B 234 8.39 -19.95 4.24
N ASP B 235 8.42 -19.01 5.17
CA ASP B 235 8.62 -17.60 4.84
C ASP B 235 10.12 -17.39 4.58
N PRO B 236 10.49 -16.38 3.77
CA PRO B 236 11.92 -16.18 3.50
C PRO B 236 12.61 -15.42 4.62
N PHE B 237 12.70 -16.02 5.80
CA PHE B 237 13.35 -15.37 6.93
C PHE B 237 14.78 -15.02 6.57
N PHE B 238 15.21 -13.83 6.97
CA PHE B 238 16.49 -13.28 6.56
C PHE B 238 17.70 -13.86 7.32
N GLY B 239 18.84 -13.95 6.64
CA GLY B 239 20.10 -14.30 7.28
C GLY B 239 20.28 -15.76 7.62
N ARG B 240 21.49 -16.12 8.05
CA ARG B 240 21.86 -17.51 8.41
C ARG B 240 20.84 -18.17 9.30
N VAL B 241 20.58 -17.55 10.45
CA VAL B 241 19.61 -18.05 11.41
C VAL B 241 18.24 -18.25 10.76
N GLY B 242 17.92 -17.38 9.81
CA GLY B 242 16.63 -17.40 9.14
C GLY B 242 16.32 -18.73 8.44
N GLN B 243 17.34 -19.31 7.82
CA GLN B 243 17.18 -20.60 7.15
C GLN B 243 16.68 -21.68 8.10
N MET B 244 17.03 -21.53 9.37
CA MET B 244 16.66 -22.49 10.41
C MET B 244 15.28 -22.20 10.95
N LYS B 245 14.95 -20.92 11.06
CA LYS B 245 13.59 -20.50 11.39
C LYS B 245 12.63 -21.10 10.37
N ALA B 246 13.06 -21.09 9.11
CA ALA B 246 12.29 -21.65 8.00
C ALA B 246 12.16 -23.17 8.09
N VAL B 247 13.24 -23.84 8.49
CA VAL B 247 13.22 -25.29 8.65
C VAL B 247 12.20 -25.67 9.69
N SER B 248 12.24 -24.98 10.82
CA SER B 248 11.34 -25.25 11.91
C SER B 248 9.89 -24.96 11.49
N GLN B 249 9.70 -23.92 10.68
CA GLN B 249 8.37 -23.54 10.25
C GLN B 249 7.80 -24.66 9.38
N LYS B 250 8.64 -25.21 8.52
CA LYS B 250 8.26 -26.32 7.65
C LYS B 250 7.90 -27.53 8.50
N GLN B 251 8.78 -27.86 9.44
CA GLN B 251 8.60 -29.00 10.31
C GLN B 251 7.32 -28.89 11.13
N GLN B 252 7.04 -27.71 11.64
CA GLN B 252 5.83 -27.50 12.42
C GLN B 252 4.59 -27.37 11.53
N GLN B 253 4.80 -27.29 10.22
CA GLN B 253 3.70 -27.16 9.27
C GLN B 253 2.84 -25.92 9.53
N LEU B 254 3.48 -24.82 9.93
CA LEU B 254 2.76 -23.57 10.17
C LEU B 254 2.31 -22.85 8.89
N LYS B 255 2.85 -23.25 7.75
CA LYS B 255 2.56 -22.53 6.52
C LYS B 255 2.33 -23.43 5.31
N PHE B 256 1.15 -23.31 4.71
CA PHE B 256 0.90 -23.92 3.42
C PHE B 256 0.79 -22.85 2.37
N GLU B 257 1.08 -23.24 1.14
CA GLU B 257 0.89 -22.35 0.00
C GLU B 257 0.14 -23.09 -1.09
N LEU B 258 -0.73 -22.36 -1.80
CA LEU B 258 -1.32 -22.87 -3.01
C LEU B 258 -0.43 -22.37 -4.14
N LEU B 259 0.13 -23.32 -4.90
CA LEU B 259 1.21 -23.03 -5.83
C LEU B 259 0.75 -23.32 -7.24
N ILE B 260 0.95 -22.35 -8.11
CA ILE B 260 0.47 -22.46 -9.47
C ILE B 260 1.68 -22.40 -10.38
N PRO B 261 1.87 -23.46 -11.18
CA PRO B 261 2.97 -23.48 -12.14
C PRO B 261 2.72 -22.48 -13.27
N LEU B 262 3.43 -21.35 -13.23
CA LEU B 262 3.29 -20.32 -14.25
C LEU B 262 4.46 -20.35 -15.25
N ARG B 263 5.68 -20.47 -14.74
CA ARG B 263 6.83 -20.54 -15.62
C ARG B 263 7.37 -21.96 -15.71
N SER B 264 7.08 -22.75 -14.68
CA SER B 264 7.48 -24.14 -14.65
C SER B 264 6.82 -24.85 -13.49
N GLU B 265 6.74 -26.17 -13.60
CA GLU B 265 6.19 -26.98 -12.51
CA GLU B 265 6.21 -27.02 -12.53
C GLU B 265 7.18 -27.06 -11.35
N GLU B 266 8.45 -26.80 -11.62
CA GLU B 266 9.50 -26.87 -10.60
C GLU B 266 9.72 -25.54 -9.87
N GLN B 267 9.31 -24.44 -10.49
CA GLN B 267 9.31 -23.16 -9.79
C GLN B 267 7.92 -22.54 -9.81
N PRO B 268 6.96 -23.15 -9.10
CA PRO B 268 5.59 -22.63 -9.18
C PRO B 268 5.44 -21.33 -8.39
N THR B 269 4.33 -20.63 -8.61
CA THR B 269 4.11 -19.35 -7.96
C THR B 269 3.09 -19.49 -6.84
N ALA B 270 3.47 -19.09 -5.63
CA ALA B 270 2.54 -19.11 -4.49
C ALA B 270 1.51 -17.99 -4.62
N CYS B 271 0.25 -18.36 -4.81
CA CYS B 271 -0.80 -17.37 -5.04
C CYS B 271 -1.71 -17.20 -3.85
N MET B 272 -1.66 -18.16 -2.93
CA MET B 272 -2.37 -18.04 -1.67
C MET B 272 -1.49 -18.67 -0.61
N SER B 273 -1.60 -18.20 0.63
CA SER B 273 -0.97 -18.92 1.74
C SER B 273 -1.93 -19.15 2.90
N PHE B 274 -1.62 -20.14 3.72
CA PHE B 274 -2.44 -20.50 4.85
C PHE B 274 -1.50 -20.60 6.03
N ASN B 275 -1.65 -19.65 6.95
CA ASN B 275 -0.62 -19.39 7.93
C ASN B 275 -1.15 -19.57 9.35
N TYR B 276 -0.37 -20.27 10.17
CA TYR B 276 -0.69 -20.46 11.58
C TYR B 276 0.42 -19.77 12.35
N HIS B 277 0.06 -18.86 13.26
CA HIS B 277 1.06 -18.02 13.93
C HIS B 277 1.28 -18.48 15.35
N ARG B 278 0.61 -19.57 15.73
CA ARG B 278 0.52 -19.98 17.12
C ARG B 278 0.16 -18.76 17.96
N GLU B 279 0.84 -18.56 19.08
CA GLU B 279 0.49 -17.45 19.99
C GLU B 279 1.34 -16.17 19.82
N HIS B 280 2.09 -16.08 18.72
CA HIS B 280 3.00 -14.95 18.53
C HIS B 280 2.33 -13.57 18.66
N PHE B 281 1.28 -13.33 17.88
CA PHE B 281 0.60 -12.04 17.95
C PHE B 281 -0.26 -11.91 19.19
N GLY B 282 -0.78 -13.04 19.65
CA GLY B 282 -1.59 -13.03 20.86
C GLY B 282 -0.76 -12.54 22.03
N THR B 283 0.45 -13.07 22.17
CA THR B 283 1.35 -12.66 23.25
CA THR B 283 1.31 -12.64 23.27
C THR B 283 1.85 -11.24 23.03
N THR B 284 2.26 -10.94 21.81
CA THR B 284 2.76 -9.63 21.47
C THR B 284 1.76 -8.56 21.87
N TRP B 285 0.50 -8.78 21.54
CA TRP B 285 -0.49 -7.73 21.72
C TRP B 285 -1.34 -7.92 22.97
N GLY B 286 -1.00 -8.94 23.76
CA GLY B 286 -1.75 -9.26 24.97
C GLY B 286 -3.20 -9.59 24.69
N ILE B 287 -3.44 -10.36 23.64
CA ILE B 287 -4.79 -10.81 23.34
C ILE B 287 -5.09 -12.10 24.10
N GLN B 288 -6.19 -12.09 24.84
CA GLN B 288 -6.59 -13.24 25.65
C GLN B 288 -7.85 -13.88 25.09
N ASP B 289 -7.82 -15.20 24.88
CA ASP B 289 -9.01 -15.90 24.44
C ASP B 289 -10.01 -16.05 25.60
N ALA B 290 -11.16 -16.65 25.33
CA ALA B 290 -12.22 -16.79 26.33
C ALA B 290 -11.81 -17.58 27.58
N ASN B 291 -10.73 -18.36 27.47
CA ASN B 291 -10.19 -19.10 28.60
C ASN B 291 -9.13 -18.36 29.42
N GLY B 292 -8.81 -17.14 29.01
CA GLY B 292 -7.80 -16.35 29.70
C GLY B 292 -6.37 -16.67 29.27
N GLU B 293 -6.22 -17.41 28.18
CA GLU B 293 -4.90 -17.76 27.68
C GLU B 293 -4.53 -16.89 26.47
N PRO B 294 -3.22 -16.74 26.19
CA PRO B 294 -2.79 -15.93 25.04
C PRO B 294 -3.36 -16.50 23.75
N ALA B 295 -4.05 -15.65 22.98
CA ALA B 295 -4.76 -16.09 21.78
C ALA B 295 -3.81 -16.61 20.71
N HIS B 296 -4.28 -17.56 19.92
CA HIS B 296 -3.56 -17.97 18.73
C HIS B 296 -4.17 -17.23 17.55
N THR B 297 -3.39 -17.04 16.49
CA THR B 297 -3.93 -16.42 15.30
C THR B 297 -3.48 -17.18 14.07
N GLY B 298 -4.24 -17.02 13.00
CA GLY B 298 -3.87 -17.55 11.71
C GLY B 298 -4.58 -16.78 10.62
N CYS B 299 -4.13 -16.96 9.38
CA CYS B 299 -4.78 -16.25 8.30
C CYS B 299 -4.64 -17.00 7.00
N VAL B 300 -5.61 -16.77 6.12
CA VAL B 300 -5.54 -17.24 4.76
C VAL B 300 -5.37 -15.99 3.92
N ALA B 301 -4.30 -15.96 3.13
CA ALA B 301 -3.93 -14.76 2.37
C ALA B 301 -4.05 -14.99 0.85
N PHE B 302 -4.73 -14.08 0.17
CA PHE B 302 -4.84 -14.18 -1.29
C PHE B 302 -3.99 -13.10 -1.93
N GLY B 303 -3.07 -13.49 -2.81
CA GLY B 303 -2.28 -12.52 -3.55
C GLY B 303 -3.05 -12.12 -4.79
N MET B 304 -3.70 -10.95 -4.75
CA MET B 304 -4.64 -10.54 -5.80
C MET B 304 -3.96 -10.37 -7.15
N ASP B 305 -2.76 -9.80 -7.14
CA ASP B 305 -2.03 -9.60 -8.39
C ASP B 305 -1.47 -10.90 -8.95
N ARG B 306 -1.01 -11.78 -8.08
CA ARG B 306 -0.56 -13.09 -8.55
C ARG B 306 -1.69 -13.92 -9.12
N LEU B 307 -2.85 -13.88 -8.45
CA LEU B 307 -4.03 -14.58 -8.95
C LEU B 307 -4.46 -14.03 -10.31
N ALA B 308 -4.45 -12.71 -10.45
CA ALA B 308 -4.84 -12.07 -11.69
C ALA B 308 -3.90 -12.49 -12.84
N VAL B 309 -2.59 -12.36 -12.60
CA VAL B 309 -1.59 -12.76 -13.57
C VAL B 309 -1.71 -14.27 -13.89
N ALA B 310 -1.91 -15.09 -12.86
CA ALA B 310 -2.21 -16.52 -13.07
C ALA B 310 -3.39 -16.73 -14.01
N MET B 311 -4.48 -15.97 -13.82
CA MET B 311 -5.65 -16.12 -14.69
C MET B 311 -5.31 -15.75 -16.13
N PHE B 312 -4.60 -14.64 -16.32
CA PHE B 312 -4.29 -14.21 -17.66
C PHE B 312 -3.31 -15.15 -18.35
N HIS B 313 -2.38 -15.71 -17.59
CA HIS B 313 -1.43 -16.67 -18.15
C HIS B 313 -2.13 -17.97 -18.53
N THR B 314 -3.05 -18.42 -17.68
CA THR B 314 -3.83 -19.62 -17.92
C THR B 314 -4.83 -19.50 -19.05
N HIS B 315 -5.66 -18.46 -19.02
CA HIS B 315 -6.78 -18.37 -19.97
C HIS B 315 -6.54 -17.38 -21.10
N GLY B 316 -5.42 -16.68 -21.06
CA GLY B 316 -5.12 -15.69 -22.09
C GLY B 316 -5.77 -14.35 -21.81
N THR B 317 -5.46 -13.35 -22.63
CA THR B 317 -5.86 -11.96 -22.38
C THR B 317 -7.12 -11.54 -23.12
N ASP B 318 -7.76 -12.50 -23.78
CA ASP B 318 -9.03 -12.23 -24.44
C ASP B 318 -10.12 -12.88 -23.60
N LEU B 319 -10.90 -12.04 -22.94
CA LEU B 319 -11.90 -12.50 -21.98
C LEU B 319 -13.04 -13.28 -22.64
N SER B 320 -13.41 -12.91 -23.87
CA SER B 320 -14.50 -13.62 -24.55
C SER B 320 -14.11 -15.08 -24.84
N ALA B 321 -12.81 -15.36 -24.89
CA ALA B 321 -12.31 -16.72 -25.12
C ALA B 321 -12.12 -17.56 -23.85
N TRP B 322 -12.40 -16.99 -22.68
CA TRP B 322 -12.25 -17.75 -21.44
C TRP B 322 -13.36 -18.79 -21.35
N PRO B 323 -13.11 -19.92 -20.66
CA PRO B 323 -14.12 -20.95 -20.47
C PRO B 323 -15.41 -20.39 -19.88
N ALA B 324 -16.55 -20.80 -20.42
CA ALA B 324 -17.85 -20.28 -20.04
C ALA B 324 -18.12 -20.44 -18.55
N LYS B 325 -17.63 -21.55 -17.98
CA LYS B 325 -17.77 -21.81 -16.56
C LYS B 325 -16.91 -20.86 -15.70
N VAL B 326 -15.72 -20.52 -16.17
CA VAL B 326 -14.90 -19.54 -15.49
C VAL B 326 -15.59 -18.18 -15.59
N ARG B 327 -16.04 -17.82 -16.79
CA ARG B 327 -16.73 -16.56 -17.01
C ARG B 327 -17.97 -16.46 -16.11
N ASP B 328 -18.63 -17.59 -15.91
CA ASP B 328 -19.82 -17.63 -15.07
C ASP B 328 -19.48 -17.40 -13.59
N ILE B 329 -18.49 -18.13 -13.10
CA ILE B 329 -18.01 -17.99 -11.73
C ILE B 329 -17.66 -16.53 -11.39
N LEU B 330 -16.99 -15.86 -12.32
CA LEU B 330 -16.55 -14.48 -12.12
C LEU B 330 -17.66 -13.48 -12.44
N GLY B 331 -18.80 -13.97 -12.91
CA GLY B 331 -19.94 -13.12 -13.19
C GLY B 331 -19.77 -12.25 -14.42
N LEU B 332 -18.99 -12.72 -15.39
CA LEU B 332 -18.78 -11.99 -16.63
C LEU B 332 -19.96 -12.13 -17.60
N GLN B 333 -20.70 -13.23 -17.49
CA GLN B 333 -21.81 -13.56 -18.40
C GLN B 333 -21.34 -13.62 -19.84
N LYS C 54 -5.25 45.16 -13.20
CA LYS C 54 -4.90 43.77 -12.94
C LYS C 54 -3.46 43.49 -13.37
N LEU C 55 -2.61 43.15 -12.40
CA LEU C 55 -1.21 42.85 -12.67
C LEU C 55 -1.06 41.57 -13.48
N VAL C 56 -2.07 40.69 -13.41
CA VAL C 56 -2.06 39.43 -14.15
C VAL C 56 -2.54 39.62 -15.58
N ASP C 57 -3.45 40.58 -15.77
CA ASP C 57 -3.99 40.91 -17.09
C ASP C 57 -2.90 41.52 -17.97
N VAL C 58 -1.95 42.18 -17.31
CA VAL C 58 -0.75 42.70 -17.98
C VAL C 58 -0.01 41.59 -18.73
N GLY C 59 0.23 40.48 -18.04
CA GLY C 59 0.90 39.34 -18.64
C GLY C 59 1.90 38.67 -17.71
N LEU C 60 1.87 39.05 -16.44
CA LEU C 60 2.79 38.48 -15.45
C LEU C 60 2.31 37.14 -14.89
N THR C 61 3.11 36.10 -15.10
CA THR C 61 2.79 34.76 -14.59
C THR C 61 3.53 34.47 -13.29
N SER C 62 3.55 33.21 -12.89
CA SER C 62 4.07 32.83 -11.57
C SER C 62 5.54 33.19 -11.39
N MET C 63 6.38 32.73 -12.31
CA MET C 63 7.81 33.05 -12.26
C MET C 63 8.04 34.57 -12.40
N ASP C 64 7.19 35.23 -13.17
CA ASP C 64 7.24 36.67 -13.32
C ASP C 64 6.92 37.36 -12.00
N MET C 65 5.86 36.91 -11.34
CA MET C 65 5.45 37.48 -10.06
C MET C 65 6.46 37.16 -8.95
N VAL C 66 7.09 35.99 -9.06
CA VAL C 66 8.16 35.61 -8.14
C VAL C 66 9.33 36.58 -8.28
N ASN C 67 9.82 36.72 -9.51
CA ASN C 67 10.89 37.68 -9.82
C ASN C 67 10.47 39.12 -9.53
N LEU C 68 9.15 39.32 -9.42
CA LEU C 68 8.59 40.64 -9.13
C LEU C 68 8.69 40.95 -7.64
N MET C 69 8.41 39.96 -6.80
CA MET C 69 8.55 40.13 -5.36
C MET C 69 10.02 40.31 -5.01
N LEU C 70 10.88 39.71 -5.84
CA LEU C 70 12.33 39.82 -5.67
C LEU C 70 12.85 41.20 -6.06
N GLY C 71 12.24 41.79 -7.09
CA GLY C 71 12.64 43.11 -7.56
C GLY C 71 12.24 44.24 -6.63
N VAL C 72 11.13 44.05 -5.92
CA VAL C 72 10.64 45.04 -4.96
C VAL C 72 11.50 45.03 -3.71
N GLU C 73 11.93 43.83 -3.31
CA GLU C 73 12.79 43.67 -2.15
C GLU C 73 14.21 44.14 -2.45
N ALA C 74 14.54 44.28 -3.73
CA ALA C 74 15.88 44.66 -4.16
C ALA C 74 16.03 46.17 -4.41
N GLU C 75 15.07 46.74 -5.14
CA GLU C 75 15.08 48.18 -5.42
C GLU C 75 15.03 48.99 -4.12
N PHE C 76 14.01 48.72 -3.30
CA PHE C 76 13.93 49.31 -1.96
C PHE C 76 14.62 48.38 -0.96
N ASP C 77 14.27 48.53 0.31
CA ASP C 77 14.85 47.69 1.35
C ASP C 77 13.77 47.17 2.29
N PHE C 78 13.03 46.17 1.81
CA PHE C 78 11.95 45.58 2.59
C PHE C 78 11.75 44.13 2.20
N THR C 79 11.26 43.33 3.15
CA THR C 79 10.99 41.92 2.90
C THR C 79 9.60 41.51 3.41
N GLU C 84 0.84 38.57 5.35
CA GLU C 84 2.02 38.95 4.58
C GLU C 84 1.68 39.12 3.09
N ILE C 85 2.33 38.34 2.23
CA ILE C 85 2.10 38.39 0.78
C ILE C 85 0.72 37.87 0.40
N THR C 86 -0.11 38.75 -0.17
CA THR C 86 -1.52 38.46 -0.42
C THR C 86 -1.94 38.82 -1.85
N PRO C 87 -3.12 38.35 -2.30
CA PRO C 87 -3.60 38.72 -3.63
C PRO C 87 -3.96 40.20 -3.73
N GLU C 88 -4.57 40.73 -2.66
CA GLU C 88 -5.05 42.10 -2.63
C GLU C 88 -3.96 43.10 -3.04
N ASN C 89 -2.81 43.01 -2.39
CA ASN C 89 -1.75 43.98 -2.59
C ASN C 89 -1.00 43.83 -3.92
N PHE C 90 -1.37 42.84 -4.72
CA PHE C 90 -0.74 42.61 -6.02
C PHE C 90 -1.79 42.44 -7.12
N ASP D 27 31.59 -40.99 17.38
CA ASP D 27 31.29 -42.00 18.38
C ASP D 27 30.28 -41.47 19.40
N VAL D 28 30.79 -40.72 20.38
CA VAL D 28 29.95 -40.17 21.43
C VAL D 28 29.24 -38.90 20.99
N ARG D 29 29.33 -38.58 19.70
CA ARG D 29 28.67 -37.42 19.12
C ARG D 29 27.16 -37.51 19.37
N ASN D 30 26.59 -38.68 19.10
CA ASN D 30 25.17 -38.91 19.32
C ASN D 30 24.75 -38.73 20.78
N ARG D 31 25.63 -39.12 21.70
CA ARG D 31 25.34 -39.03 23.13
C ARG D 31 25.34 -37.57 23.60
N ILE D 32 26.12 -36.72 22.93
CA ILE D 32 26.17 -35.31 23.27
C ILE D 32 24.97 -34.56 22.68
N ILE D 33 24.57 -34.95 21.47
CA ILE D 33 23.41 -34.38 20.80
C ILE D 33 22.12 -34.64 21.59
N LYS D 34 22.05 -35.79 22.24
CA LYS D 34 20.90 -36.13 23.11
C LYS D 34 20.91 -35.29 24.39
N LEU D 35 22.07 -34.74 24.73
CA LEU D 35 22.23 -33.93 25.93
C LEU D 35 21.82 -32.49 25.67
N VAL D 36 22.32 -31.89 24.59
CA VAL D 36 21.99 -30.52 24.23
C VAL D 36 20.51 -30.36 23.92
N LYS D 37 19.86 -31.45 23.51
CA LYS D 37 18.43 -31.46 23.26
C LYS D 37 17.67 -31.43 24.59
N GLY D 38 18.07 -32.30 25.51
CA GLY D 38 17.50 -32.31 26.85
C GLY D 38 17.83 -31.02 27.57
N ILE D 39 18.96 -30.42 27.20
CA ILE D 39 19.38 -29.13 27.73
C ILE D 39 18.40 -28.04 27.33
N LEU D 40 18.08 -27.99 26.04
CA LEU D 40 17.14 -27.01 25.51
C LEU D 40 15.75 -27.26 26.10
N GLU D 41 15.40 -28.54 26.23
CA GLU D 41 14.12 -28.92 26.81
C GLU D 41 14.06 -28.57 28.30
N GLN D 42 15.22 -28.56 28.95
CA GLN D 42 15.31 -28.19 30.36
C GLN D 42 14.82 -26.76 30.58
N ASN D 43 15.06 -25.89 29.62
CA ASN D 43 14.61 -24.50 29.70
C ASN D 43 13.09 -24.38 29.65
N ALA D 44 12.43 -25.50 29.33
CA ALA D 44 10.97 -25.55 29.29
C ALA D 44 10.47 -26.75 30.09
N LEU D 45 10.42 -27.92 29.46
CA LEU D 45 9.98 -29.15 30.12
C LEU D 45 10.63 -30.37 29.49
N ALA D 46 10.54 -31.52 30.17
CA ALA D 46 11.20 -32.74 29.71
C ALA D 46 10.30 -33.68 28.93
N ALA D 47 10.91 -34.58 28.16
CA ALA D 47 10.20 -35.59 27.39
C ALA D 47 11.12 -36.79 27.10
N ASP D 48 10.64 -37.73 26.28
CA ASP D 48 11.39 -38.95 25.98
C ASP D 48 12.24 -38.82 24.72
N VAL D 49 13.51 -38.48 24.90
CA VAL D 49 14.43 -38.27 23.77
C VAL D 49 15.11 -39.56 23.29
N THR D 50 14.91 -39.89 22.02
CA THR D 50 15.50 -41.07 21.39
C THR D 50 16.11 -40.67 20.05
N PRO D 51 16.97 -41.53 19.48
CA PRO D 51 17.60 -41.16 18.19
C PRO D 51 16.66 -41.15 16.99
N GLN D 52 15.54 -41.85 17.03
CA GLN D 52 14.64 -41.89 15.87
C GLN D 52 13.48 -40.89 15.96
N ALA D 53 13.20 -40.42 17.17
CA ALA D 53 12.14 -39.43 17.39
C ALA D 53 12.36 -38.13 16.62
N LYS D 54 11.31 -37.62 15.98
CA LYS D 54 11.40 -36.35 15.28
C LYS D 54 11.57 -35.23 16.31
N LEU D 55 12.53 -34.33 16.05
CA LEU D 55 12.80 -33.22 16.96
C LEU D 55 11.59 -32.32 17.18
N VAL D 56 10.71 -32.27 16.17
CA VAL D 56 9.51 -31.47 16.27
C VAL D 56 8.42 -32.17 17.08
N ASP D 57 8.41 -33.50 17.05
CA ASP D 57 7.44 -34.28 17.84
C ASP D 57 7.85 -34.33 19.30
N VAL D 58 9.15 -34.12 19.55
CA VAL D 58 9.67 -34.03 20.91
C VAL D 58 9.12 -32.76 21.57
N GLY D 59 9.08 -31.67 20.79
CA GLY D 59 8.52 -30.43 21.26
C GLY D 59 9.35 -29.20 20.93
N LEU D 60 10.41 -29.38 20.15
CA LEU D 60 11.24 -28.25 19.76
C LEU D 60 10.50 -27.31 18.81
N THR D 61 10.53 -26.02 19.13
CA THR D 61 9.93 -25.00 18.28
C THR D 61 11.03 -24.21 17.58
N SER D 62 10.65 -23.11 16.91
CA SER D 62 11.61 -22.35 16.11
C SER D 62 12.74 -21.76 16.92
N MET D 63 12.43 -21.21 18.10
CA MET D 63 13.48 -20.68 18.96
C MET D 63 14.34 -21.80 19.52
N ASP D 64 13.71 -22.92 19.83
CA ASP D 64 14.42 -24.11 20.26
C ASP D 64 15.38 -24.58 19.17
N MET D 65 14.87 -24.70 17.94
CA MET D 65 15.66 -25.18 16.82
C MET D 65 16.83 -24.25 16.50
N VAL D 66 16.63 -22.95 16.73
CA VAL D 66 17.68 -21.97 16.48
C VAL D 66 18.78 -22.09 17.52
N ASN D 67 18.40 -22.15 18.79
CA ASN D 67 19.37 -22.33 19.87
C ASN D 67 20.15 -23.62 19.69
N LEU D 68 19.47 -24.65 19.21
CA LEU D 68 20.08 -25.96 19.01
C LEU D 68 21.09 -25.96 17.86
N MET D 69 20.81 -25.19 16.81
CA MET D 69 21.77 -25.04 15.71
C MET D 69 23.07 -24.42 16.22
N LEU D 70 22.95 -23.58 17.24
CA LEU D 70 24.11 -22.91 17.82
C LEU D 70 24.74 -23.70 18.96
N GLY D 71 23.92 -24.47 19.68
CA GLY D 71 24.41 -25.34 20.73
C GLY D 71 25.12 -26.56 20.17
N VAL D 72 24.98 -26.76 18.86
CA VAL D 72 25.67 -27.83 18.14
C VAL D 72 26.96 -27.26 17.56
N GLU D 73 26.94 -25.98 17.20
CA GLU D 73 28.11 -25.30 16.68
C GLU D 73 29.11 -24.94 17.78
N ALA D 74 28.60 -24.82 19.01
CA ALA D 74 29.44 -24.47 20.15
C ALA D 74 30.00 -25.70 20.85
N GLU D 75 29.33 -26.83 20.66
CA GLU D 75 29.74 -28.09 21.27
C GLU D 75 30.66 -28.87 20.34
N PHE D 76 30.80 -28.39 19.12
CA PHE D 76 31.69 -29.02 18.15
C PHE D 76 32.58 -27.98 17.46
N ASP D 77 32.52 -26.75 17.94
CA ASP D 77 33.35 -25.63 17.46
C ASP D 77 33.51 -25.52 15.94
N PHE D 78 32.39 -25.61 15.22
CA PHE D 78 32.40 -25.45 13.77
C PHE D 78 31.16 -24.71 13.28
N THR D 79 31.20 -24.25 12.04
CA THR D 79 30.09 -23.51 11.45
C THR D 79 29.32 -24.35 10.44
N ILE D 80 28.05 -24.60 10.72
CA ILE D 80 27.22 -25.40 9.82
C ILE D 80 26.99 -24.68 8.50
N PRO D 81 27.31 -25.35 7.39
CA PRO D 81 27.08 -24.82 6.03
C PRO D 81 25.60 -24.56 5.78
N GLN D 82 25.32 -23.61 4.89
CA GLN D 82 23.93 -23.24 4.57
C GLN D 82 23.16 -24.37 3.90
N SER D 83 23.83 -25.12 3.02
CA SER D 83 23.17 -26.24 2.35
C SER D 83 22.90 -27.41 3.30
N GLU D 84 23.35 -27.26 4.55
CA GLU D 84 23.14 -28.29 5.57
C GLU D 84 22.11 -27.85 6.61
N ILE D 85 21.63 -26.62 6.49
CA ILE D 85 20.51 -26.15 7.30
C ILE D 85 19.22 -26.55 6.59
N THR D 86 18.78 -27.78 6.85
CA THR D 86 17.67 -28.39 6.12
C THR D 86 16.77 -29.21 7.06
N PRO D 87 15.50 -29.42 6.65
CA PRO D 87 14.64 -30.29 7.47
C PRO D 87 15.20 -31.70 7.48
N GLU D 88 15.83 -32.08 6.38
CA GLU D 88 16.45 -33.39 6.21
C GLU D 88 17.48 -33.67 7.30
N ASN D 89 18.45 -32.77 7.45
CA ASN D 89 19.48 -32.97 8.46
C ASN D 89 18.98 -32.75 9.88
N PHE D 90 17.88 -32.00 10.03
CA PHE D 90 17.40 -31.64 11.35
C PHE D 90 16.11 -32.34 11.74
N GLN D 91 15.85 -33.47 11.09
CA GLN D 91 14.65 -34.27 11.36
C GLN D 91 14.68 -34.88 12.76
N SER D 92 15.82 -35.51 13.08
CA SER D 92 15.99 -36.21 14.35
C SER D 92 17.46 -36.14 14.79
N VAL D 93 17.73 -36.61 16.00
CA VAL D 93 19.10 -36.72 16.48
C VAL D 93 19.92 -37.56 15.50
N GLU D 94 19.32 -38.65 15.03
CA GLU D 94 19.94 -39.56 14.05
C GLU D 94 20.42 -38.86 12.79
N THR D 95 19.62 -37.93 12.28
CA THR D 95 19.99 -37.19 11.08
C THR D 95 20.98 -36.07 11.40
N LEU D 96 20.89 -35.51 12.60
CA LEU D 96 21.83 -34.51 13.05
C LEU D 96 23.18 -35.17 13.33
N GLU D 97 23.10 -36.39 13.87
CA GLU D 97 24.28 -37.21 14.12
C GLU D 97 25.05 -37.46 12.82
N ARG D 98 24.35 -37.93 11.78
CA ARG D 98 24.98 -38.15 10.48
C ARG D 98 25.53 -36.87 9.87
N MET D 99 24.92 -35.73 10.24
CA MET D 99 25.34 -34.44 9.71
C MET D 99 26.71 -34.00 10.25
N VAL D 100 26.78 -33.76 11.55
CA VAL D 100 28.03 -33.33 12.17
C VAL D 100 29.09 -34.43 12.12
#